data_7NCR
#
_entry.id   7NCR
#
_cell.length_a   1.00
_cell.length_b   1.00
_cell.length_c   1.00
_cell.angle_alpha   90.00
_cell.angle_beta   90.00
_cell.angle_gamma   90.00
#
_symmetry.space_group_name_H-M   'P 1'
#
_entity_poly.entity_id   1
_entity_poly.type   'polypeptide(L)'
_entity_poly.pdbx_seq_one_letter_code
;MGDRVNAQDDDTVVPHQAPLQPAALQQDLTRSADYLLDNVRIGNHRQRYDKYRRYVLLRSSEIFTSLVAIYAHIFSSYWQ
HFRRFTDQFQAPTGVQLPTFVARVYISTWLHDLYCSIREATRSISPLAFNERYSYELLPYSTEYDPFLAFLSMSIKPTHI
QHTPENTLWIPILCENYDWDRNEANHNPFGITNFTLNSNLFYGLLAILKERKEFKLSTLTTNTIGRPCWLFDWHDNVQVC
AWFPREANFNSQDVTAAYIIGVACTPKLGPSDDDAWKYYASLNSVPTFTPTEPRLTNRRSYGAYEVRTRETENNYFLPDS
LLNIIEDFTATGTTQRRKIRRPSATSASTGAAIIIRDTPGTASTATTSTTETEVTFPPVIRTKIRDWYYHSRVILELEDN
SRTAALRMFIIA
;
_entity_poly.pdbx_strand_id   A,B
#
# COMPACT_ATOMS: atom_id res chain seq x y z
N LEU A 29 -9.55 -28.67 3.81
CA LEU A 29 -8.52 -28.32 2.84
C LEU A 29 -7.18 -28.11 3.53
N THR A 30 -7.16 -28.25 4.85
CA THR A 30 -5.92 -28.06 5.60
C THR A 30 -4.93 -29.19 5.34
N ARG A 31 -5.41 -30.40 5.05
CA ARG A 31 -4.51 -31.48 4.69
C ARG A 31 -3.76 -31.17 3.40
N SER A 32 -4.45 -30.62 2.41
CA SER A 32 -3.79 -30.24 1.16
C SER A 32 -2.80 -29.12 1.38
N ALA A 33 -3.11 -28.19 2.29
CA ALA A 33 -2.18 -27.10 2.59
C ALA A 33 -0.94 -27.62 3.29
N ASP A 34 -1.10 -28.58 4.21
CA ASP A 34 0.06 -29.19 4.85
C ASP A 34 0.89 -29.97 3.85
N TYR A 35 0.24 -30.65 2.90
CA TYR A 35 0.99 -31.31 1.84
C TYR A 35 1.79 -30.30 1.03
N LEU A 36 1.18 -29.18 0.66
CA LEU A 36 1.86 -28.15 -0.11
C LEU A 36 2.88 -27.36 0.72
N LEU A 37 2.88 -27.51 2.05
CA LEU A 37 3.88 -26.87 2.88
C LEU A 37 5.04 -27.79 3.26
N ASP A 38 4.81 -29.11 3.33
CA ASP A 38 5.92 -30.03 3.56
C ASP A 38 6.81 -30.11 2.33
N ASN A 39 6.24 -30.47 1.19
CA ASN A 39 6.86 -30.16 -0.08
C ASN A 39 6.76 -28.66 -0.28
N VAL A 40 7.88 -27.97 -0.39
CA VAL A 40 7.82 -26.53 -0.22
C VAL A 40 7.35 -25.89 -1.51
N ARG A 41 6.02 -25.87 -1.70
CA ARG A 41 5.36 -25.33 -2.88
C ARG A 41 4.78 -23.95 -2.61
N ILE A 42 4.03 -23.82 -1.53
CA ILE A 42 3.48 -22.57 -1.07
C ILE A 42 4.25 -22.14 0.17
N GLY A 43 4.28 -20.85 0.43
CA GLY A 43 5.02 -20.34 1.57
C GLY A 43 4.69 -18.92 1.95
N ASN A 44 5.64 -18.25 2.58
CA ASN A 44 5.51 -16.84 2.96
C ASN A 44 6.82 -16.10 2.71
N HIS A 45 7.41 -16.28 1.54
CA HIS A 45 8.73 -15.74 1.29
C HIS A 45 8.71 -14.24 1.08
N ARG A 46 9.76 -13.58 1.55
CA ARG A 46 9.98 -12.16 1.34
C ARG A 46 11.45 -11.93 1.01
N GLN A 47 11.71 -10.96 0.16
CA GLN A 47 13.09 -10.62 -0.17
C GLN A 47 13.72 -9.69 0.86
N ARG A 48 12.92 -9.07 1.72
CA ARG A 48 13.39 -8.09 2.68
C ARG A 48 13.04 -8.54 4.09
N TYR A 49 13.97 -8.35 5.00
CA TYR A 49 13.76 -8.80 6.37
C TYR A 49 12.78 -7.88 7.09
N ASP A 50 12.48 -8.22 8.34
CA ASP A 50 11.26 -7.75 8.97
C ASP A 50 11.33 -6.27 9.34
N LYS A 51 12.34 -5.87 10.09
CA LYS A 51 12.50 -4.46 10.42
C LYS A 51 13.54 -3.83 9.49
N TYR A 52 13.15 -3.71 8.23
CA TYR A 52 14.05 -3.22 7.20
C TYR A 52 14.35 -1.74 7.43
N ARG A 53 15.64 -1.40 7.51
CA ARG A 53 16.05 -0.06 7.87
C ARG A 53 15.82 0.91 6.72
N ARG A 54 15.30 2.09 7.05
CA ARG A 54 15.15 3.18 6.09
C ARG A 54 15.46 4.49 6.78
N TYR A 55 16.47 5.20 6.28
CA TYR A 55 16.77 6.53 6.77
C TYR A 55 15.79 7.53 6.19
N VAL A 56 15.22 8.37 7.02
CA VAL A 56 14.39 9.48 6.56
C VAL A 56 14.90 10.75 7.23
N LEU A 57 15.17 11.76 6.42
CA LEU A 57 15.76 13.00 6.90
C LEU A 57 14.72 13.87 7.57
N LEU A 58 15.01 14.29 8.81
CA LEU A 58 14.08 15.13 9.55
C LEU A 58 14.21 16.57 9.09
N ARG A 59 13.16 17.35 9.36
CA ARG A 59 13.20 18.77 9.04
C ARG A 59 14.13 19.50 10.01
N SER A 60 13.78 19.50 11.29
CA SER A 60 14.63 19.97 12.37
C SER A 60 14.87 21.47 12.30
N SER A 61 14.40 22.10 11.22
CA SER A 61 14.42 23.55 11.08
C SER A 61 13.02 24.13 11.16
N GLU A 62 12.06 23.42 10.56
CA GLU A 62 10.66 23.78 10.73
C GLU A 62 10.15 23.35 12.10
N ILE A 63 10.56 22.16 12.54
CA ILE A 63 10.20 21.68 13.87
C ILE A 63 10.72 22.66 14.92
N PHE A 64 11.97 23.09 14.76
CA PHE A 64 12.56 24.02 15.71
C PHE A 64 11.76 25.31 15.80
N THR A 65 11.42 25.88 14.64
CA THR A 65 10.70 27.14 14.63
C THR A 65 9.34 27.01 15.28
N SER A 66 8.58 25.98 14.90
CA SER A 66 7.24 25.84 15.48
C SER A 66 7.29 25.50 16.96
N LEU A 67 8.28 24.71 17.41
CA LEU A 67 8.37 24.42 18.83
C LEU A 67 8.76 25.65 19.63
N VAL A 68 9.71 26.45 19.13
CA VAL A 68 10.03 27.72 19.78
C VAL A 68 8.80 28.61 19.85
N ALA A 69 8.03 28.69 18.77
CA ALA A 69 6.88 29.57 18.76
C ALA A 69 5.80 29.11 19.74
N ILE A 70 5.60 27.80 19.87
CA ILE A 70 4.56 27.32 20.78
C ILE A 70 5.03 27.25 22.22
N TYR A 71 6.35 27.32 22.47
CA TYR A 71 6.83 27.34 23.85
C TYR A 71 7.07 28.74 24.36
N ALA A 72 7.34 29.70 23.48
CA ALA A 72 7.38 31.10 23.90
C ALA A 72 6.04 31.55 24.44
N HIS A 73 4.94 30.98 23.92
CA HIS A 73 3.61 31.35 24.43
C HIS A 73 3.39 30.83 25.84
N ILE A 74 3.85 29.61 26.12
CA ILE A 74 3.69 29.07 27.47
C ILE A 74 4.65 29.76 28.43
N PHE A 75 5.78 30.25 27.94
CA PHE A 75 6.71 30.97 28.80
C PHE A 75 6.23 32.38 29.12
N SER A 76 5.59 33.06 28.16
CA SER A 76 5.21 34.44 28.42
C SER A 76 3.98 34.56 29.30
N SER A 77 3.13 33.52 29.35
CA SER A 77 2.02 33.56 30.29
C SER A 77 2.44 33.23 31.71
N TYR A 78 3.68 32.82 31.94
CA TYR A 78 4.20 32.58 33.27
C TYR A 78 5.48 33.37 33.51
N TRP A 79 5.58 34.55 32.92
CA TRP A 79 6.86 35.23 32.86
C TRP A 79 7.30 35.81 34.19
N GLN A 80 6.38 35.99 35.15
CA GLN A 80 6.79 36.47 36.45
C GLN A 80 7.76 35.53 37.13
N HIS A 81 7.69 34.24 36.80
CA HIS A 81 8.52 33.22 37.40
C HIS A 81 9.87 33.08 36.72
N PHE A 82 10.06 33.68 35.55
CA PHE A 82 11.32 33.63 34.83
C PHE A 82 11.97 34.99 34.67
N ARG A 83 11.33 36.05 35.15
CA ARG A 83 11.82 37.40 34.85
C ARG A 83 13.08 37.73 35.62
N ARG A 84 13.18 37.28 36.87
CA ARG A 84 14.31 37.68 37.70
C ARG A 84 15.55 36.85 37.40
N PHE A 85 15.37 35.62 36.92
CA PHE A 85 16.51 34.77 36.59
C PHE A 85 17.13 35.18 35.26
N THR A 86 16.32 35.63 34.31
CA THR A 86 16.77 35.89 32.96
C THR A 86 17.22 37.33 32.75
N ASP A 87 17.27 38.13 33.81
CA ASP A 87 17.75 39.50 33.67
C ASP A 87 19.25 39.57 33.47
N GLN A 88 19.99 38.50 33.74
CA GLN A 88 21.44 38.49 33.57
C GLN A 88 21.86 38.21 32.13
N PHE A 89 21.03 37.52 31.36
CA PHE A 89 21.32 37.25 29.96
C PHE A 89 20.70 38.32 29.08
N GLN A 90 21.25 38.45 27.87
CA GLN A 90 20.77 39.39 26.87
C GLN A 90 20.38 38.64 25.61
N ALA A 91 19.19 38.94 25.09
CA ALA A 91 18.78 38.40 23.81
C ALA A 91 19.56 39.09 22.68
N PRO A 92 19.85 38.36 21.58
CA PRO A 92 20.86 38.84 20.63
C PRO A 92 20.59 40.19 19.97
N THR A 93 19.53 40.31 19.18
CA THR A 93 19.31 41.54 18.42
C THR A 93 18.00 42.22 18.78
N GLY A 94 16.87 41.54 18.60
CA GLY A 94 15.57 42.14 18.84
C GLY A 94 14.60 41.11 19.36
N VAL A 95 15.15 40.00 19.83
CA VAL A 95 14.37 38.88 20.33
C VAL A 95 13.83 39.22 21.70
N GLN A 96 12.56 38.92 21.95
CA GLN A 96 12.02 39.06 23.28
C GLN A 96 12.53 37.93 24.16
N LEU A 97 12.63 38.21 25.46
CA LEU A 97 13.22 37.24 26.37
C LEU A 97 12.47 35.92 26.41
N PRO A 98 11.14 35.85 26.39
CA PRO A 98 10.50 34.53 26.29
C PRO A 98 10.89 33.76 25.05
N THR A 99 11.00 34.43 23.90
CA THR A 99 11.42 33.74 22.69
C THR A 99 12.85 33.24 22.80
N PHE A 100 13.73 34.04 23.40
CA PHE A 100 15.12 33.63 23.57
C PHE A 100 15.23 32.43 24.51
N VAL A 101 14.48 32.45 25.61
CA VAL A 101 14.47 31.32 26.55
C VAL A 101 13.92 30.07 25.87
N ALA A 102 12.86 30.20 25.09
CA ALA A 102 12.33 29.04 24.36
C ALA A 102 13.32 28.53 23.34
N ARG A 103 14.04 29.43 22.68
CA ARG A 103 15.08 29.00 21.74
C ARG A 103 16.15 28.18 22.45
N VAL A 104 16.61 28.64 23.60
CA VAL A 104 17.63 27.90 24.34
C VAL A 104 17.09 26.53 24.77
N TYR A 105 15.88 26.52 25.30
CA TYR A 105 15.23 25.27 25.73
C TYR A 105 15.13 24.28 24.58
N ILE A 106 14.68 24.74 23.41
CA ILE A 106 14.44 23.84 22.28
C ILE A 106 15.75 23.41 21.65
N SER A 107 16.75 24.29 21.63
CA SER A 107 18.05 23.91 21.11
C SER A 107 18.69 22.82 21.99
N THR A 108 18.57 22.95 23.31
CA THR A 108 19.09 21.90 24.17
C THR A 108 18.30 20.60 24.00
N TRP A 109 16.97 20.70 23.87
CA TRP A 109 16.19 19.49 23.65
C TRP A 109 16.60 18.79 22.36
N LEU A 110 16.88 19.56 21.31
CA LEU A 110 17.30 18.95 20.04
C LEU A 110 18.68 18.32 20.17
N HIS A 111 19.59 19.01 20.86
CA HIS A 111 20.89 18.43 21.17
C HIS A 111 20.75 17.07 21.83
N ASP A 112 19.89 16.97 22.83
CA ASP A 112 19.67 15.71 23.52
C ASP A 112 18.87 14.70 22.69
N LEU A 113 18.07 15.18 21.74
CA LEU A 113 17.35 14.26 20.86
C LEU A 113 18.30 13.54 19.93
N TYR A 114 19.33 14.24 19.45
CA TYR A 114 20.39 13.55 18.73
C TYR A 114 20.90 12.36 19.52
N CYS A 115 21.20 12.57 20.79
CA CYS A 115 21.75 11.50 21.61
C CYS A 115 20.73 10.40 21.87
N SER A 116 19.46 10.76 22.02
CA SER A 116 18.42 9.76 22.16
C SER A 116 18.39 8.83 20.95
N ILE A 117 18.38 9.40 19.75
CA ILE A 117 18.32 8.58 18.54
C ILE A 117 19.59 7.77 18.39
N ARG A 118 20.73 8.34 18.76
CA ARG A 118 22.00 7.62 18.66
C ARG A 118 22.02 6.40 19.56
N GLU A 119 21.67 6.58 20.84
CA GLU A 119 21.65 5.47 21.77
C GLU A 119 20.52 4.49 21.48
N ALA A 120 19.51 4.91 20.72
CA ALA A 120 18.47 3.96 20.32
C ALA A 120 18.94 3.11 19.14
N THR A 121 19.63 3.71 18.19
CA THR A 121 20.12 2.96 17.03
C THR A 121 21.35 2.13 17.35
N ARG A 122 22.04 2.40 18.46
CA ARG A 122 23.15 1.53 18.83
C ARG A 122 22.68 0.10 19.03
N SER A 123 21.60 -0.07 19.79
CA SER A 123 21.12 -1.40 20.11
C SER A 123 20.51 -2.08 18.90
N ILE A 124 19.42 -1.54 18.39
CA ILE A 124 18.77 -2.07 17.21
C ILE A 124 19.34 -1.35 15.99
N SER A 125 19.66 -2.13 14.96
CA SER A 125 20.33 -1.60 13.77
C SER A 125 21.68 -0.98 14.14
N PRO A 126 22.65 -1.78 14.59
CA PRO A 126 23.96 -1.21 14.93
C PRO A 126 24.73 -0.67 13.74
N LEU A 127 24.27 -0.90 12.51
CA LEU A 127 24.98 -0.39 11.35
C LEU A 127 24.59 1.05 11.04
N ALA A 128 23.33 1.40 11.25
CA ALA A 128 22.92 2.80 11.18
C ALA A 128 23.59 3.64 12.26
N PHE A 129 23.85 3.05 13.44
CA PHE A 129 24.69 3.72 14.42
C PHE A 129 26.07 4.01 13.87
N ASN A 130 26.70 3.01 13.23
CA ASN A 130 28.07 3.18 12.76
C ASN A 130 28.17 4.17 11.62
N GLU A 131 27.14 4.26 10.78
CA GLU A 131 27.23 5.09 9.58
C GLU A 131 26.45 6.40 9.68
N ARG A 132 25.70 6.64 10.74
CA ARG A 132 24.93 7.87 10.84
C ARG A 132 25.09 8.56 12.19
N TYR A 133 25.39 7.78 13.23
CA TYR A 133 25.37 8.27 14.60
C TYR A 133 26.62 7.85 15.36
N SER A 134 27.77 7.86 14.68
CA SER A 134 28.99 7.43 15.34
C SER A 134 29.49 8.48 16.34
N TYR A 135 29.39 9.77 15.99
CA TYR A 135 29.87 10.83 16.85
C TYR A 135 29.11 10.85 18.17
N GLU A 136 29.85 10.93 19.27
CA GLU A 136 29.26 10.88 20.61
C GLU A 136 29.07 12.27 21.16
N LEU A 137 27.86 12.56 21.61
CA LEU A 137 27.55 13.74 22.41
C LEU A 137 27.13 13.31 23.81
N LEU A 138 27.28 14.22 24.74
CA LEU A 138 26.72 13.96 26.06
C LEU A 138 25.45 14.77 26.23
N PRO A 139 24.36 14.17 26.73
CA PRO A 139 23.11 14.92 26.87
C PRO A 139 23.16 15.90 28.04
N TYR A 140 22.51 17.05 27.85
CA TYR A 140 22.47 18.07 28.88
C TYR A 140 21.45 17.77 29.96
N SER A 141 20.33 17.16 29.60
CA SER A 141 19.26 16.91 30.55
C SER A 141 18.75 15.50 30.38
N THR A 142 18.23 14.95 31.47
CA THR A 142 17.42 13.74 31.47
C THR A 142 15.97 14.04 31.81
N GLU A 143 15.57 15.29 31.75
CA GLU A 143 14.29 15.74 32.28
C GLU A 143 13.82 16.95 31.49
N TYR A 144 12.68 16.83 30.84
CA TYR A 144 12.05 17.91 30.11
C TYR A 144 10.59 17.96 30.50
N ASP A 145 9.85 18.89 29.90
CA ASP A 145 8.41 18.93 30.13
C ASP A 145 7.77 17.69 29.51
N PRO A 146 6.53 17.39 29.89
CA PRO A 146 5.87 16.18 29.36
C PRO A 146 5.85 16.08 27.85
N PHE A 147 5.70 17.19 27.12
CA PHE A 147 5.56 17.06 25.68
C PHE A 147 6.90 16.84 24.98
N LEU A 148 7.95 17.53 25.42
CA LEU A 148 9.26 17.28 24.85
C LEU A 148 9.76 15.89 25.23
N ALA A 149 9.39 15.41 26.41
CA ALA A 149 9.69 14.03 26.78
C ALA A 149 8.93 13.04 25.91
N PHE A 150 7.66 13.32 25.62
CA PHE A 150 6.90 12.47 24.69
C PHE A 150 7.54 12.45 23.32
N LEU A 151 7.95 13.61 22.82
CA LEU A 151 8.59 13.67 21.51
C LEU A 151 9.94 12.97 21.51
N SER A 152 10.67 13.02 22.60
CA SER A 152 11.88 12.23 22.72
C SER A 152 11.57 10.74 22.66
N MET A 153 10.49 10.32 23.32
CA MET A 153 10.03 8.95 23.27
C MET A 153 9.51 8.53 21.89
N SER A 154 9.13 9.48 21.04
CA SER A 154 8.46 9.16 19.79
C SER A 154 9.31 9.26 18.54
N ILE A 155 10.45 9.96 18.58
CA ILE A 155 11.21 10.22 17.36
C ILE A 155 12.44 9.33 17.36
N LYS A 156 12.29 8.14 17.92
CA LYS A 156 13.23 7.04 17.84
C LYS A 156 12.97 6.27 16.55
N PRO A 157 13.70 5.19 16.26
CA PRO A 157 13.44 4.42 15.04
C PRO A 157 12.09 3.70 15.03
N THR A 158 11.08 4.37 14.49
CA THR A 158 9.71 3.84 14.48
C THR A 158 9.60 2.59 13.63
N HIS A 159 8.71 1.68 14.04
CA HIS A 159 8.43 0.43 13.34
C HIS A 159 7.04 0.52 12.72
N ILE A 160 6.96 0.40 11.40
CA ILE A 160 5.69 0.43 10.69
C ILE A 160 5.40 -0.95 10.14
N GLN A 161 4.21 -1.46 10.47
CA GLN A 161 3.73 -2.78 10.11
C GLN A 161 2.52 -2.68 9.17
N HIS A 162 2.31 -3.75 8.41
CA HIS A 162 1.19 -3.98 7.50
C HIS A 162 1.21 -3.10 6.27
N THR A 163 2.23 -2.28 6.08
CA THR A 163 2.51 -1.73 4.76
C THR A 163 3.20 -2.81 3.93
N PRO A 164 3.27 -2.64 2.60
CA PRO A 164 3.92 -3.68 1.78
C PRO A 164 5.30 -4.07 2.28
N GLU A 165 6.07 -3.12 2.78
CA GLU A 165 7.39 -3.39 3.33
C GLU A 165 7.33 -3.14 4.84
N ASN A 166 7.51 -4.21 5.61
CA ASN A 166 7.66 -4.10 7.06
C ASN A 166 8.90 -3.28 7.37
N THR A 167 8.76 -2.07 7.92
CA THR A 167 9.88 -1.15 7.88
C THR A 167 10.22 -0.63 9.27
N LEU A 168 11.48 -0.23 9.42
CA LEU A 168 11.97 0.51 10.57
C LEU A 168 12.53 1.83 10.04
N TRP A 169 11.78 2.90 10.26
CA TRP A 169 12.19 4.24 9.86
C TRP A 169 13.08 4.85 10.93
N ILE A 170 14.23 5.36 10.50
CA ILE A 170 15.24 5.94 11.37
C ILE A 170 15.35 7.41 11.03
N PRO A 171 15.12 8.31 12.00
CA PRO A 171 15.19 9.74 11.71
C PRO A 171 16.64 10.20 11.62
N ILE A 172 16.93 11.03 10.63
CA ILE A 172 18.25 11.62 10.43
C ILE A 172 18.12 13.11 10.67
N LEU A 173 18.85 13.62 11.67
CA LEU A 173 18.74 15.03 12.00
C LEU A 173 19.41 15.90 10.95
N CYS A 174 20.52 15.44 10.38
CA CYS A 174 21.22 16.15 9.34
C CYS A 174 22.11 15.18 8.59
N GLU A 175 22.38 15.48 7.31
CA GLU A 175 23.31 14.64 6.56
C GLU A 175 24.75 14.91 6.97
N ASN A 176 25.07 16.17 7.25
CA ASN A 176 26.36 16.55 7.81
C ASN A 176 26.11 17.46 9.00
N TYR A 177 27.06 17.48 9.93
CA TYR A 177 26.76 18.04 11.24
C TYR A 177 27.57 19.28 11.61
N ASP A 178 28.84 19.38 11.24
CA ASP A 178 29.67 20.51 11.64
C ASP A 178 29.77 20.63 13.16
N TRP A 179 30.40 19.62 13.75
CA TRP A 179 30.64 19.60 15.18
C TRP A 179 31.72 20.61 15.59
N ASP A 180 31.64 21.05 16.84
CA ASP A 180 32.75 21.72 17.51
C ASP A 180 32.40 21.80 18.99
N ARG A 181 33.43 22.00 19.81
CA ARG A 181 33.27 21.89 21.26
C ARG A 181 32.89 23.20 21.95
N ASN A 182 33.10 24.34 21.30
CA ASN A 182 32.67 25.62 21.88
C ASN A 182 31.17 25.61 22.08
N GLU A 183 30.75 25.70 23.35
CA GLU A 183 29.34 25.56 23.68
C GLU A 183 28.53 26.73 23.13
N ALA A 184 29.06 27.95 23.26
CA ALA A 184 28.35 29.14 22.78
C ALA A 184 28.37 29.26 21.26
N ASN A 185 29.20 28.48 20.57
CA ASN A 185 29.26 28.49 19.11
C ASN A 185 28.75 27.21 18.48
N HIS A 186 28.35 26.22 19.28
CA HIS A 186 27.95 24.93 18.75
C HIS A 186 26.61 25.05 18.04
N ASN A 187 26.58 24.63 16.77
CA ASN A 187 25.35 24.57 15.98
C ASN A 187 25.39 23.28 15.16
N PRO A 188 25.22 22.14 15.82
CA PRO A 188 25.50 20.85 15.15
C PRO A 188 24.57 20.54 13.99
N PHE A 189 23.57 21.38 13.72
CA PHE A 189 22.67 21.21 12.60
C PHE A 189 22.55 22.55 11.88
N GLY A 190 21.78 22.58 10.81
CA GLY A 190 21.72 23.79 10.02
C GLY A 190 20.62 24.74 10.42
N ILE A 191 20.42 24.91 11.72
CA ILE A 191 19.32 25.72 12.23
C ILE A 191 19.82 27.14 12.48
N THR A 192 19.04 28.12 12.05
CA THR A 192 19.47 29.51 12.11
C THR A 192 19.70 29.96 13.55
N ASN A 193 18.64 29.93 14.37
CA ASN A 193 18.68 30.48 15.72
C ASN A 193 18.92 29.43 16.78
N PHE A 194 19.68 28.40 16.45
CA PHE A 194 20.06 27.38 17.43
C PHE A 194 21.00 27.99 18.46
N THR A 195 20.59 28.00 19.72
CA THR A 195 21.34 28.66 20.79
C THR A 195 21.46 27.74 21.98
N LEU A 196 22.69 27.33 22.30
CA LEU A 196 22.96 26.59 23.52
C LEU A 196 23.50 27.53 24.59
N ASN A 197 23.04 27.36 25.82
CA ASN A 197 23.43 28.20 26.94
C ASN A 197 23.23 27.39 28.22
N SER A 198 24.31 27.03 28.88
CA SER A 198 24.22 26.08 29.99
C SER A 198 23.61 26.73 31.23
N ASN A 199 24.07 27.93 31.58
CA ASN A 199 23.56 28.61 32.77
C ASN A 199 22.06 28.85 32.65
N LEU A 200 21.64 29.38 31.50
CA LEU A 200 20.23 29.61 31.26
C LEU A 200 19.45 28.31 31.35
N PHE A 201 19.95 27.26 30.71
CA PHE A 201 19.21 26.00 30.69
C PHE A 201 19.03 25.42 32.08
N TYR A 202 20.08 25.42 32.89
CA TYR A 202 19.97 24.76 34.19
C TYR A 202 19.21 25.61 35.19
N GLY A 203 19.35 26.95 35.13
CA GLY A 203 18.46 27.78 35.93
C GLY A 203 17.01 27.62 35.54
N LEU A 204 16.75 27.50 34.23
CA LEU A 204 15.39 27.32 33.75
C LEU A 204 14.81 25.98 34.21
N LEU A 205 15.63 24.93 34.17
CA LEU A 205 15.18 23.63 34.65
C LEU A 205 14.90 23.67 36.15
N ALA A 206 15.73 24.38 36.92
CA ALA A 206 15.47 24.52 38.35
C ALA A 206 14.17 25.25 38.60
N ILE A 207 13.90 26.30 37.82
CA ILE A 207 12.64 27.03 37.97
C ILE A 207 11.46 26.12 37.66
N LEU A 208 11.51 25.42 36.52
CA LEU A 208 10.44 24.50 36.15
C LEU A 208 10.27 23.41 37.20
N LYS A 209 11.35 23.05 37.90
CA LYS A 209 11.25 22.01 38.92
C LYS A 209 10.58 22.53 40.18
N GLU A 210 10.87 23.76 40.59
CA GLU A 210 10.27 24.24 41.83
C GLU A 210 8.91 24.88 41.64
N ARG A 211 8.59 25.36 40.44
CA ARG A 211 7.25 25.87 40.18
C ARG A 211 6.26 24.71 40.10
N LYS A 212 5.20 24.78 40.89
CA LYS A 212 4.16 23.74 40.85
C LYS A 212 3.27 23.86 39.63
N GLU A 213 3.42 24.91 38.83
CA GLU A 213 2.63 25.04 37.61
C GLU A 213 3.13 24.08 36.54
N PHE A 214 4.44 23.90 36.47
CA PHE A 214 5.08 23.19 35.38
C PHE A 214 5.44 21.78 35.80
N LYS A 215 5.16 20.82 34.92
CA LYS A 215 5.52 19.43 35.13
C LYS A 215 6.82 19.12 34.41
N LEU A 216 7.49 18.08 34.89
CA LEU A 216 8.71 17.58 34.28
C LEU A 216 8.63 16.08 34.17
N SER A 217 9.28 15.52 33.16
CA SER A 217 9.21 14.08 32.93
C SER A 217 10.60 13.55 32.62
N THR A 218 10.94 12.43 33.24
CA THR A 218 12.18 11.73 32.96
C THR A 218 12.10 11.08 31.58
N LEU A 219 13.13 11.29 30.76
CA LEU A 219 13.15 10.69 29.44
C LEU A 219 13.28 9.18 29.57
N THR A 220 12.40 8.46 28.87
CA THR A 220 12.42 7.02 28.91
C THR A 220 13.64 6.49 28.14
N THR A 221 13.85 5.18 28.23
CA THR A 221 14.96 4.53 27.56
C THR A 221 14.47 3.43 26.64
N ASN A 222 13.35 3.68 25.95
CA ASN A 222 12.87 2.77 24.93
C ASN A 222 13.77 2.86 23.69
N THR A 223 13.52 1.96 22.75
CA THR A 223 14.33 1.88 21.54
C THR A 223 13.53 2.03 20.26
N ILE A 224 12.23 1.78 20.29
CA ILE A 224 11.35 1.96 19.14
C ILE A 224 10.41 3.11 19.47
N GLY A 225 10.29 4.04 18.53
CA GLY A 225 9.45 5.21 18.72
C GLY A 225 8.03 4.98 18.27
N ARG A 226 7.32 6.07 18.04
CA ARG A 226 5.94 6.12 17.58
C ARG A 226 5.85 6.96 16.32
N PRO A 227 4.85 6.72 15.47
CA PRO A 227 4.84 7.35 14.14
C PRO A 227 4.33 8.78 14.14
N CYS A 228 4.35 9.44 15.29
CA CYS A 228 3.91 10.83 15.39
C CYS A 228 4.53 11.72 14.32
N TRP A 229 5.76 11.45 13.91
CA TRP A 229 6.55 12.33 13.06
C TRP A 229 6.54 11.90 11.61
N LEU A 230 5.76 10.89 11.25
CA LEU A 230 5.88 10.24 9.96
C LEU A 230 4.72 10.51 9.01
N PHE A 231 3.72 11.29 9.43
CA PHE A 231 2.57 11.56 8.57
C PHE A 231 2.97 12.45 7.41
N ASP A 232 2.16 12.42 6.36
CA ASP A 232 2.39 13.20 5.15
C ASP A 232 1.55 14.46 5.19
N TRP A 233 2.20 15.61 5.03
CA TRP A 233 1.56 16.91 5.14
C TRP A 233 1.44 17.52 3.76
N HIS A 234 0.22 17.95 3.42
CA HIS A 234 -0.08 18.47 2.10
C HIS A 234 -0.45 19.96 2.21
N ASP A 235 -0.88 20.53 1.08
CA ASP A 235 -0.97 21.98 0.96
C ASP A 235 -1.94 22.58 1.98
N ASN A 236 -3.06 21.93 2.21
CA ASN A 236 -4.03 22.32 3.22
C ASN A 236 -3.64 21.67 4.55
N VAL A 237 -4.59 21.52 5.46
CA VAL A 237 -4.34 20.86 6.73
C VAL A 237 -4.49 19.37 6.45
N GLN A 238 -4.40 19.00 5.16
CA GLN A 238 -4.54 17.62 4.72
C GLN A 238 -3.32 16.82 5.17
N VAL A 239 -3.36 16.41 6.44
CA VAL A 239 -2.35 15.53 7.01
C VAL A 239 -2.92 14.13 7.02
N CYS A 240 -2.18 13.16 6.49
CA CYS A 240 -2.73 11.85 6.18
C CYS A 240 -1.72 10.76 6.46
N ALA A 241 -2.25 9.60 6.86
CA ALA A 241 -1.45 8.45 7.24
C ALA A 241 -1.33 7.48 6.08
N TRP A 242 -0.11 7.13 5.73
CA TRP A 242 0.15 6.14 4.69
C TRP A 242 0.35 4.74 5.27
N PHE A 243 -0.14 4.50 6.47
CA PHE A 243 -0.02 3.22 7.14
C PHE A 243 -1.31 2.96 7.90
N PRO A 244 -1.64 1.71 8.16
CA PRO A 244 -2.87 1.40 8.90
C PRO A 244 -2.82 1.97 10.32
N ARG A 245 -4.01 2.19 10.88
CA ARG A 245 -4.05 2.69 12.24
C ARG A 245 -3.86 1.56 13.25
N GLU A 246 -4.32 0.37 12.90
CA GLU A 246 -4.17 -0.78 13.78
C GLU A 246 -2.72 -1.27 13.76
N ALA A 247 -2.12 -1.36 14.93
CA ALA A 247 -0.74 -1.76 15.22
C ALA A 247 0.26 -0.63 15.00
N ASN A 248 -0.16 0.56 14.57
CA ASN A 248 0.78 1.63 14.30
C ASN A 248 0.59 2.83 15.22
N PHE A 249 -0.59 3.42 15.29
CA PHE A 249 -0.77 4.65 16.05
C PHE A 249 -2.18 4.72 16.61
N ASN A 250 -2.37 5.62 17.58
CA ASN A 250 -3.56 5.57 18.43
C ASN A 250 -4.17 6.94 18.74
N SER A 251 -3.89 7.98 17.97
CA SER A 251 -4.47 9.31 18.09
C SER A 251 -3.93 10.13 19.26
N GLN A 252 -3.11 9.56 20.14
CA GLN A 252 -2.18 10.38 20.91
C GLN A 252 -1.03 10.84 20.03
N ASP A 253 -0.66 9.99 19.06
CA ASP A 253 0.31 10.34 18.04
C ASP A 253 -0.22 11.41 17.09
N VAL A 254 -1.50 11.37 16.76
CA VAL A 254 -2.08 12.44 15.96
C VAL A 254 -2.05 13.76 16.74
N THR A 255 -2.26 13.70 18.06
CA THR A 255 -2.16 14.90 18.88
C THR A 255 -0.73 15.43 18.92
N ALA A 256 0.25 14.55 19.09
CA ALA A 256 1.63 14.97 19.09
C ALA A 256 2.05 15.56 17.75
N ALA A 257 1.50 15.03 16.65
CA ALA A 257 1.75 15.62 15.34
C ALA A 257 1.02 16.94 15.18
N TYR A 258 -0.12 17.09 15.84
CA TYR A 258 -0.90 18.32 15.76
C TYR A 258 -0.19 19.46 16.47
N ILE A 259 0.38 19.20 17.64
CA ILE A 259 1.08 20.25 18.38
C ILE A 259 2.28 20.75 17.60
N ILE A 260 2.96 19.87 16.88
CA ILE A 260 3.98 20.31 15.93
C ILE A 260 3.30 20.65 14.62
N GLY A 261 2.88 21.89 14.45
CA GLY A 261 2.01 22.21 13.34
C GLY A 261 2.69 22.25 11.99
N VAL A 262 3.80 21.53 11.83
CA VAL A 262 4.51 21.45 10.57
C VAL A 262 4.81 19.99 10.27
N ALA A 263 5.22 19.74 9.03
CA ALA A 263 5.68 18.43 8.63
C ALA A 263 7.02 18.10 9.28
N CYS A 264 7.16 16.86 9.73
CA CYS A 264 8.39 16.41 10.34
C CYS A 264 9.32 15.72 9.35
N THR A 265 8.79 15.20 8.26
CA THR A 265 9.54 14.48 7.25
C THR A 265 9.01 14.88 5.88
N PRO A 266 9.72 14.54 4.80
CA PRO A 266 9.13 14.68 3.47
C PRO A 266 8.01 13.67 3.26
N LYS A 267 7.35 13.79 2.12
CA LYS A 267 6.16 12.99 1.84
C LYS A 267 6.55 11.57 1.46
N LEU A 268 6.14 10.60 2.28
CA LEU A 268 6.57 9.22 2.16
C LEU A 268 5.50 8.30 1.63
N GLY A 269 4.31 8.80 1.32
CA GLY A 269 3.22 7.95 0.90
C GLY A 269 3.29 7.61 -0.56
N PRO A 270 2.47 6.64 -0.95
CA PRO A 270 2.40 6.26 -2.37
C PRO A 270 1.55 7.23 -3.16
N SER A 271 1.81 7.27 -4.46
CA SER A 271 1.03 8.08 -5.37
C SER A 271 0.87 7.33 -6.68
N ASP A 272 -0.26 7.54 -7.34
CA ASP A 272 -0.51 6.95 -8.65
C ASP A 272 -0.19 8.02 -9.70
N ASP A 273 1.05 8.01 -10.17
CA ASP A 273 1.49 9.01 -11.11
C ASP A 273 0.78 8.85 -12.45
N ASP A 274 0.54 9.97 -13.11
CA ASP A 274 -0.06 9.98 -14.42
C ASP A 274 1.04 10.04 -15.49
N ALA A 275 0.66 10.23 -16.74
CA ALA A 275 1.62 10.46 -17.80
C ALA A 275 1.88 11.94 -17.95
N TRP A 276 3.07 12.27 -18.45
CA TRP A 276 3.44 13.67 -18.63
C TRP A 276 2.67 14.28 -19.79
N LYS A 277 2.25 15.53 -19.61
CA LYS A 277 1.68 16.34 -20.68
C LYS A 277 2.70 17.38 -21.07
N TYR A 278 2.74 17.75 -22.36
CA TYR A 278 3.73 18.68 -22.87
C TYR A 278 3.06 19.96 -23.35
N TYR A 279 3.73 21.08 -23.11
CA TYR A 279 3.28 22.39 -23.56
C TYR A 279 4.48 23.16 -24.08
N ALA A 280 4.23 24.07 -25.03
CA ALA A 280 5.30 24.84 -25.64
C ALA A 280 5.85 25.87 -24.66
N SER A 281 4.98 26.78 -24.22
CA SER A 281 5.34 27.77 -23.22
C SER A 281 4.46 27.58 -21.99
N LEU A 282 4.53 28.55 -21.07
CA LEU A 282 3.66 28.49 -19.91
C LEU A 282 2.23 28.86 -20.31
N ASN A 283 1.53 27.87 -20.88
CA ASN A 283 0.12 28.04 -21.24
C ASN A 283 -0.73 26.96 -20.60
N SER A 284 -0.25 26.32 -19.53
CA SER A 284 -0.94 25.21 -18.91
C SER A 284 -2.19 25.70 -18.19
N VAL A 285 -3.23 24.88 -18.21
CA VAL A 285 -4.46 25.17 -17.46
C VAL A 285 -4.13 25.12 -15.97
N PRO A 286 -4.86 25.81 -15.12
CA PRO A 286 -4.66 25.66 -13.67
C PRO A 286 -5.06 24.27 -13.22
N THR A 287 -4.56 23.88 -12.05
CA THR A 287 -4.85 22.56 -11.50
C THR A 287 -6.28 22.55 -10.99
N PHE A 288 -7.03 21.51 -11.33
CA PHE A 288 -8.43 21.41 -10.92
C PHE A 288 -8.59 20.23 -9.97
N THR A 289 -8.76 20.53 -8.69
CA THR A 289 -9.30 19.56 -7.73
C THR A 289 -10.68 19.11 -8.22
N PRO A 290 -11.41 19.94 -9.00
CA PRO A 290 -12.55 19.42 -9.78
C PRO A 290 -12.15 18.37 -10.82
N THR A 291 -10.92 17.87 -10.75
CA THR A 291 -10.46 16.74 -11.54
C THR A 291 -10.42 17.01 -13.04
N GLU A 292 -9.53 17.90 -13.46
CA GLU A 292 -9.11 17.92 -14.84
C GLU A 292 -8.65 16.53 -15.27
N PRO A 293 -8.85 16.13 -16.52
CA PRO A 293 -8.65 14.73 -16.89
C PRO A 293 -7.19 14.32 -16.83
N ARG A 294 -6.94 13.14 -16.27
CA ARG A 294 -5.61 12.55 -16.28
C ARG A 294 -5.48 11.62 -17.48
N LEU A 295 -4.25 11.50 -17.98
CA LEU A 295 -4.03 10.81 -19.25
C LEU A 295 -4.33 9.32 -19.11
N THR A 296 -3.55 8.63 -18.28
CA THR A 296 -3.74 7.21 -18.08
C THR A 296 -4.94 6.95 -17.19
N ASN A 297 -5.21 5.67 -16.93
CA ASN A 297 -6.28 5.29 -16.02
C ASN A 297 -5.72 5.16 -14.61
N ARG A 298 -6.56 4.69 -13.69
CA ARG A 298 -6.13 4.51 -12.31
C ARG A 298 -5.82 3.06 -12.03
N ARG A 299 -4.86 2.84 -11.15
CA ARG A 299 -4.41 1.50 -10.80
C ARG A 299 -4.54 1.20 -9.32
N SER A 300 -4.20 2.14 -8.47
CA SER A 300 -4.19 1.94 -7.03
C SER A 300 -4.99 3.03 -6.35
N TYR A 301 -5.71 2.68 -5.29
CA TYR A 301 -6.63 3.59 -4.64
C TYR A 301 -6.43 3.52 -3.13
N GLY A 302 -6.79 4.63 -2.47
CA GLY A 302 -6.80 4.67 -1.02
C GLY A 302 -8.15 5.16 -0.53
N ALA A 303 -8.36 4.99 0.77
CA ALA A 303 -9.58 5.52 1.37
C ALA A 303 -9.56 7.04 1.41
N TYR A 304 -8.38 7.64 1.33
CA TYR A 304 -8.21 9.08 1.20
C TYR A 304 -7.20 9.34 0.10
N GLU A 305 -7.42 10.39 -0.68
CA GLU A 305 -6.57 10.67 -1.83
C GLU A 305 -6.34 12.16 -1.95
N VAL A 306 -5.11 12.53 -2.31
CA VAL A 306 -4.75 13.92 -2.54
C VAL A 306 -4.13 14.01 -3.92
N ARG A 307 -4.68 14.88 -4.76
CA ARG A 307 -4.23 15.04 -6.13
C ARG A 307 -3.39 16.29 -6.25
N THR A 308 -2.17 16.14 -6.75
CA THR A 308 -1.26 17.25 -6.96
C THR A 308 -0.79 17.23 -8.41
N ARG A 309 -0.13 18.31 -8.82
CA ARG A 309 0.42 18.44 -10.15
C ARG A 309 1.85 18.93 -10.04
N GLU A 310 2.73 18.34 -10.86
CA GLU A 310 4.15 18.67 -10.86
C GLU A 310 4.49 19.31 -12.20
N THR A 311 4.73 20.62 -12.18
CA THR A 311 5.20 21.34 -13.34
C THR A 311 6.72 21.30 -13.40
N GLU A 312 7.26 21.17 -14.61
CA GLU A 312 8.70 21.26 -14.85
C GLU A 312 8.91 22.30 -15.93
N ASN A 313 9.62 23.38 -15.58
CA ASN A 313 9.68 24.54 -16.47
C ASN A 313 10.64 24.33 -17.62
N ASN A 314 11.86 23.85 -17.35
CA ASN A 314 12.90 23.77 -18.38
C ASN A 314 13.27 22.31 -18.58
N TYR A 315 12.55 21.65 -19.49
CA TYR A 315 12.81 20.27 -19.88
C TYR A 315 12.91 20.25 -21.39
N PHE A 316 14.06 19.85 -21.92
CA PHE A 316 14.24 19.94 -23.36
C PHE A 316 13.66 18.72 -24.07
N LEU A 317 14.28 17.55 -23.87
CA LEU A 317 13.82 16.25 -24.33
C LEU A 317 14.85 15.21 -23.91
N PRO A 318 14.55 13.92 -23.98
CA PRO A 318 15.62 12.92 -23.92
C PRO A 318 16.55 13.08 -25.11
N ASP A 319 17.86 12.90 -24.87
CA ASP A 319 18.84 13.14 -25.92
C ASP A 319 18.69 12.13 -27.06
N SER A 320 18.21 10.93 -26.75
CA SER A 320 17.89 10.00 -27.84
C SER A 320 16.71 10.50 -28.65
N LEU A 321 15.73 11.12 -28.01
CA LEU A 321 14.62 11.71 -28.76
C LEU A 321 15.10 12.88 -29.61
N LEU A 322 16.05 13.67 -29.10
CA LEU A 322 16.64 14.73 -29.92
C LEU A 322 17.37 14.13 -31.13
N ASN A 323 18.11 13.04 -30.91
CA ASN A 323 18.74 12.33 -32.02
C ASN A 323 17.70 11.89 -33.05
N ILE A 324 16.53 11.46 -32.57
CA ILE A 324 15.48 11.03 -33.49
C ILE A 324 14.94 12.21 -34.29
N ILE A 325 14.74 13.36 -33.64
CA ILE A 325 14.30 14.54 -34.37
C ILE A 325 15.32 14.94 -35.44
N GLU A 326 16.60 14.92 -35.08
CA GLU A 326 17.64 15.23 -36.07
C GLU A 326 17.62 14.22 -37.22
N ASP A 327 17.47 12.93 -36.91
CA ASP A 327 17.39 11.92 -37.97
C ASP A 327 16.10 12.08 -38.78
N PHE A 328 15.13 12.81 -38.25
CA PHE A 328 13.89 13.12 -38.96
C PHE A 328 14.03 14.29 -39.93
N THR A 329 15.13 15.03 -39.86
CA THR A 329 15.38 16.18 -40.73
C THR A 329 14.31 17.24 -40.54
N VAL A 379 7.38 5.42 -32.97
CA VAL A 379 8.56 5.38 -32.13
C VAL A 379 8.42 4.28 -31.09
N ILE A 380 9.54 3.78 -30.60
CA ILE A 380 9.56 2.70 -29.63
C ILE A 380 9.70 3.29 -28.24
N ARG A 381 9.02 2.68 -27.27
CA ARG A 381 8.97 3.20 -25.91
C ARG A 381 8.96 2.04 -24.93
N THR A 382 9.88 2.07 -23.97
CA THR A 382 9.92 1.09 -22.89
C THR A 382 9.82 1.80 -21.55
N LYS A 383 9.49 1.02 -20.53
CA LYS A 383 9.38 1.54 -19.17
C LYS A 383 9.53 0.38 -18.20
N ILE A 384 10.31 0.58 -17.15
CA ILE A 384 10.53 -0.44 -16.13
C ILE A 384 9.47 -0.28 -15.05
N ARG A 385 8.71 -1.34 -14.82
CA ARG A 385 7.72 -1.37 -13.75
C ARG A 385 8.25 -2.22 -12.61
N ASP A 386 8.18 -1.69 -11.40
CA ASP A 386 8.62 -2.40 -10.20
C ASP A 386 7.41 -2.64 -9.32
N TRP A 387 6.88 -3.84 -9.39
CA TRP A 387 5.76 -4.25 -8.56
C TRP A 387 6.28 -4.62 -7.19
N TYR A 388 5.64 -4.15 -6.14
CA TYR A 388 6.03 -4.48 -4.78
C TYR A 388 4.85 -5.08 -4.04
N TYR A 389 5.13 -6.08 -3.23
CA TYR A 389 4.09 -6.89 -2.62
C TYR A 389 4.44 -7.10 -1.15
N HIS A 390 3.54 -7.76 -0.44
CA HIS A 390 3.79 -8.09 0.95
C HIS A 390 4.59 -9.39 1.10
N SER A 391 4.28 -10.42 0.32
CA SER A 391 5.07 -11.64 0.34
C SER A 391 4.90 -12.37 -0.97
N ARG A 392 5.63 -13.47 -1.11
CA ARG A 392 5.47 -14.42 -2.21
C ARG A 392 4.83 -15.67 -1.64
N VAL A 393 3.67 -16.04 -2.18
CA VAL A 393 2.82 -17.03 -1.53
C VAL A 393 3.00 -18.41 -2.17
N ILE A 394 3.30 -18.45 -3.47
CA ILE A 394 3.50 -19.69 -4.20
C ILE A 394 4.94 -19.71 -4.70
N LEU A 395 5.69 -20.74 -4.30
CA LEU A 395 7.12 -20.83 -4.56
C LEU A 395 7.47 -21.74 -5.73
N GLU A 396 6.77 -22.86 -5.89
CA GLU A 396 7.09 -23.81 -6.96
C GLU A 396 5.79 -24.50 -7.37
N LEU A 397 5.35 -24.25 -8.60
CA LEU A 397 4.08 -24.74 -9.11
C LEU A 397 4.31 -25.78 -10.19
N GLU A 398 3.59 -26.89 -10.11
CA GLU A 398 3.66 -27.94 -11.13
C GLU A 398 2.48 -28.87 -10.95
N ASP A 399 2.05 -29.48 -12.06
CA ASP A 399 0.75 -30.15 -12.11
C ASP A 399 0.69 -31.42 -11.28
N ASN A 400 1.82 -32.05 -10.99
CA ASN A 400 1.80 -33.22 -10.12
C ASN A 400 1.34 -32.85 -8.72
N SER A 401 1.85 -31.75 -8.18
CA SER A 401 1.44 -31.30 -6.86
C SER A 401 0.01 -30.79 -6.85
N ARG A 402 -0.39 -30.09 -7.92
CA ARG A 402 -1.79 -29.68 -8.04
C ARG A 402 -2.71 -30.89 -7.99
N THR A 403 -2.41 -31.90 -8.79
CA THR A 403 -3.25 -33.08 -8.84
C THR A 403 -3.26 -33.82 -7.50
N ALA A 404 -2.11 -33.89 -6.83
CA ALA A 404 -2.07 -34.57 -5.53
C ALA A 404 -2.90 -33.84 -4.50
N ALA A 405 -2.70 -32.51 -4.39
CA ALA A 405 -3.45 -31.73 -3.41
C ALA A 405 -4.93 -31.68 -3.74
N LEU A 406 -5.31 -31.86 -5.00
CA LEU A 406 -6.74 -31.95 -5.32
C LEU A 406 -7.31 -33.32 -4.97
N ARG A 407 -6.61 -34.39 -5.38
CA ARG A 407 -7.01 -35.74 -5.04
C ARG A 407 -7.21 -35.93 -3.55
N MET A 408 -6.34 -35.36 -2.73
CA MET A 408 -6.46 -35.55 -1.29
C MET A 408 -7.55 -34.68 -0.68
N PHE A 409 -8.38 -34.08 -1.51
CA PHE A 409 -9.47 -33.23 -1.03
C PHE A 409 -10.79 -33.72 -1.61
N ILE A 410 -10.77 -34.30 -2.80
CA ILE A 410 -11.99 -34.71 -3.47
C ILE A 410 -12.13 -36.22 -3.58
N ILE A 411 -11.15 -36.99 -3.11
CA ILE A 411 -11.24 -38.45 -3.15
C ILE A 411 -11.19 -38.99 -1.73
N LEU B 29 -1.33 11.84 27.45
CA LEU B 29 -1.61 12.73 26.34
C LEU B 29 -3.05 12.54 25.83
N THR B 30 -3.87 11.87 26.64
CA THR B 30 -5.23 11.56 26.22
C THR B 30 -6.24 12.66 26.54
N ARG B 31 -5.95 13.53 27.50
CA ARG B 31 -6.83 14.67 27.73
C ARG B 31 -6.77 15.64 26.56
N SER B 32 -5.56 15.92 26.05
CA SER B 32 -5.41 16.76 24.88
C SER B 32 -6.00 16.09 23.64
N ALA B 33 -5.86 14.78 23.53
CA ALA B 33 -6.45 14.05 22.42
C ALA B 33 -7.97 14.15 22.45
N ASP B 34 -8.57 13.90 23.61
CA ASP B 34 -10.01 14.01 23.78
C ASP B 34 -10.49 15.43 23.51
N TYR B 35 -9.71 16.43 23.91
CA TYR B 35 -10.12 17.81 23.64
C TYR B 35 -10.07 18.12 22.15
N LEU B 36 -9.05 17.61 21.45
CA LEU B 36 -8.99 17.79 20.01
C LEU B 36 -10.02 16.97 19.26
N LEU B 37 -10.54 15.91 19.87
CA LEU B 37 -11.56 15.07 19.25
C LEU B 37 -12.97 15.56 19.52
N ASP B 38 -13.21 16.24 20.64
CA ASP B 38 -14.51 16.82 20.90
C ASP B 38 -14.84 17.87 19.84
N ASN B 39 -13.90 18.75 19.55
CA ASN B 39 -13.93 19.51 18.33
C ASN B 39 -13.50 18.60 17.19
N VAL B 40 -13.79 18.99 15.96
CA VAL B 40 -13.52 18.13 14.83
C VAL B 40 -12.07 18.30 14.39
N ARG B 41 -11.25 18.93 15.23
CA ARG B 41 -9.85 19.22 14.94
C ARG B 41 -9.09 18.05 14.34
N ILE B 42 -9.12 16.90 15.00
CA ILE B 42 -8.44 15.70 14.51
C ILE B 42 -9.43 14.54 14.50
N GLY B 43 -9.07 13.50 13.77
CA GLY B 43 -9.93 12.32 13.72
C GLY B 43 -9.38 11.18 12.91
N ASN B 44 -10.28 10.41 12.30
CA ASN B 44 -9.96 9.28 11.42
C ASN B 44 -10.88 9.46 10.20
N HIS B 45 -10.40 10.21 9.22
CA HIS B 45 -11.23 10.59 8.09
C HIS B 45 -10.82 9.84 6.83
N ARG B 46 -11.81 9.41 6.07
CA ARG B 46 -11.60 8.72 4.81
C ARG B 46 -12.62 9.23 3.80
N GLN B 47 -12.25 9.14 2.52
CA GLN B 47 -13.16 9.54 1.46
C GLN B 47 -14.01 8.39 0.94
N ARG B 48 -13.58 7.15 1.15
CA ARG B 48 -14.33 5.97 0.78
C ARG B 48 -14.96 5.36 2.03
N TYR B 49 -16.17 4.83 1.86
CA TYR B 49 -16.79 4.10 2.96
C TYR B 49 -16.15 2.72 3.11
N ASP B 50 -16.58 2.00 4.14
CA ASP B 50 -15.78 0.90 4.66
C ASP B 50 -15.62 -0.24 3.66
N LYS B 51 -16.71 -0.85 3.22
CA LYS B 51 -16.59 -1.89 2.20
C LYS B 51 -16.89 -1.30 0.83
N TYR B 52 -15.95 -0.47 0.38
CA TYR B 52 -16.12 0.22 -0.89
C TYR B 52 -16.11 -0.79 -2.03
N ARG B 53 -17.16 -0.78 -2.83
CA ARG B 53 -17.40 -1.81 -3.83
C ARG B 53 -16.56 -1.55 -5.07
N ARG B 54 -15.71 -2.52 -5.43
CA ARG B 54 -14.93 -2.47 -6.67
C ARG B 54 -15.23 -3.72 -7.48
N TYR B 55 -15.65 -3.53 -8.72
CA TYR B 55 -15.82 -4.66 -9.62
C TYR B 55 -14.48 -5.02 -10.22
N VAL B 56 -14.23 -6.33 -10.33
CA VAL B 56 -13.02 -6.81 -10.98
C VAL B 56 -13.41 -7.98 -11.88
N LEU B 57 -12.98 -7.92 -13.13
CA LEU B 57 -13.38 -8.91 -14.13
C LEU B 57 -12.54 -10.17 -13.98
N LEU B 58 -13.20 -11.31 -13.81
CA LEU B 58 -12.50 -12.59 -13.77
C LEU B 58 -11.98 -12.97 -15.14
N ARG B 59 -11.01 -13.87 -15.16
CA ARG B 59 -10.49 -14.38 -16.42
C ARG B 59 -11.51 -15.27 -17.11
N SER B 60 -12.02 -16.26 -16.38
CA SER B 60 -13.23 -17.00 -16.72
C SER B 60 -13.03 -17.93 -17.91
N SER B 61 -11.92 -17.79 -18.59
CA SER B 61 -11.59 -18.66 -19.71
C SER B 61 -10.22 -19.28 -19.57
N GLU B 62 -9.33 -18.62 -18.84
CA GLU B 62 -8.10 -19.26 -18.40
C GLU B 62 -8.36 -20.16 -17.20
N ILE B 63 -9.18 -19.67 -16.25
CA ILE B 63 -9.64 -20.50 -15.15
C ILE B 63 -10.34 -21.73 -15.69
N PHE B 64 -11.20 -21.55 -16.70
CA PHE B 64 -11.94 -22.66 -17.26
C PHE B 64 -11.01 -23.76 -17.77
N THR B 65 -10.02 -23.38 -18.57
CA THR B 65 -9.11 -24.36 -19.14
C THR B 65 -8.24 -25.02 -18.07
N SER B 66 -7.72 -24.23 -17.12
CA SER B 66 -6.96 -24.81 -16.03
C SER B 66 -7.77 -25.85 -15.27
N LEU B 67 -9.03 -25.55 -14.96
CA LEU B 67 -9.85 -26.49 -14.21
C LEU B 67 -10.23 -27.70 -15.04
N VAL B 68 -10.52 -27.52 -16.32
CA VAL B 68 -10.83 -28.65 -17.19
C VAL B 68 -9.65 -29.60 -17.25
N ALA B 69 -8.44 -29.05 -17.41
CA ALA B 69 -7.26 -29.90 -17.47
C ALA B 69 -6.99 -30.59 -16.15
N ILE B 70 -7.26 -29.93 -15.02
CA ILE B 70 -6.99 -30.61 -13.75
C ILE B 70 -8.04 -31.67 -13.46
N TYR B 71 -9.27 -31.53 -13.97
CA TYR B 71 -10.33 -32.49 -13.67
C TYR B 71 -10.40 -33.64 -14.65
N ALA B 72 -9.96 -33.44 -15.89
CA ALA B 72 -9.88 -34.55 -16.83
C ALA B 72 -8.99 -35.66 -16.30
N HIS B 73 -7.91 -35.31 -15.59
CA HIS B 73 -7.03 -36.33 -15.03
C HIS B 73 -7.70 -37.09 -13.89
N ILE B 74 -8.41 -36.38 -13.02
CA ILE B 74 -9.15 -37.05 -11.95
C ILE B 74 -10.13 -38.04 -12.55
N PHE B 75 -10.87 -37.61 -13.58
CA PHE B 75 -11.84 -38.50 -14.21
C PHE B 75 -11.17 -39.70 -14.86
N SER B 76 -10.11 -39.46 -15.62
CA SER B 76 -9.37 -40.56 -16.25
C SER B 76 -8.82 -41.54 -15.23
N SER B 77 -8.49 -41.09 -14.03
CA SER B 77 -8.03 -42.00 -13.00
C SER B 77 -9.09 -43.03 -12.59
N TYR B 78 -10.37 -42.71 -12.73
CA TYR B 78 -11.43 -43.65 -12.37
C TYR B 78 -12.36 -43.90 -13.55
N TRP B 79 -11.83 -43.75 -14.76
CA TRP B 79 -12.57 -43.95 -16.00
C TRP B 79 -13.31 -45.29 -16.10
N GLN B 80 -13.02 -46.28 -15.26
CA GLN B 80 -13.82 -47.50 -15.37
C GLN B 80 -15.25 -47.30 -14.91
N HIS B 81 -15.60 -46.14 -14.40
CA HIS B 81 -16.97 -45.83 -14.01
C HIS B 81 -17.66 -44.85 -14.94
N PHE B 82 -16.94 -44.29 -15.92
CA PHE B 82 -17.51 -43.39 -16.90
C PHE B 82 -17.46 -43.92 -18.31
N ARG B 83 -16.74 -45.01 -18.58
CA ARG B 83 -16.62 -45.47 -19.96
C ARG B 83 -17.94 -45.96 -20.52
N ARG B 84 -18.80 -46.53 -19.68
CA ARG B 84 -20.12 -46.95 -20.15
C ARG B 84 -21.10 -45.80 -20.18
N PHE B 85 -21.01 -44.88 -19.22
CA PHE B 85 -21.95 -43.77 -19.17
C PHE B 85 -21.78 -42.83 -20.37
N THR B 86 -20.55 -42.66 -20.83
CA THR B 86 -20.25 -41.75 -21.93
C THR B 86 -20.37 -42.39 -23.30
N ASP B 87 -20.86 -43.62 -23.37
CA ASP B 87 -21.04 -44.26 -24.68
C ASP B 87 -22.18 -43.63 -25.47
N GLN B 88 -23.08 -42.91 -24.80
CA GLN B 88 -24.20 -42.25 -25.46
C GLN B 88 -23.81 -40.93 -26.10
N PHE B 89 -22.72 -40.31 -25.67
CA PHE B 89 -22.29 -39.03 -26.19
C PHE B 89 -21.22 -39.21 -27.25
N GLN B 90 -20.98 -38.12 -27.99
CA GLN B 90 -19.90 -38.05 -28.97
C GLN B 90 -19.15 -36.75 -28.75
N ALA B 91 -17.83 -36.83 -28.66
CA ALA B 91 -17.02 -35.66 -28.41
C ALA B 91 -16.95 -34.77 -29.66
N PRO B 92 -16.88 -33.45 -29.49
CA PRO B 92 -16.95 -32.56 -30.65
C PRO B 92 -15.91 -32.83 -31.71
N THR B 93 -14.67 -33.07 -31.30
CA THR B 93 -13.54 -33.24 -32.20
C THR B 93 -12.57 -34.21 -31.53
N GLY B 94 -11.31 -34.18 -31.94
CA GLY B 94 -10.30 -35.05 -31.36
C GLY B 94 -10.13 -34.93 -29.87
N VAL B 95 -10.92 -34.06 -29.23
CA VAL B 95 -10.97 -33.98 -27.78
C VAL B 95 -11.39 -35.32 -27.21
N GLN B 96 -10.65 -35.79 -26.20
CA GLN B 96 -10.93 -37.05 -25.56
C GLN B 96 -12.18 -36.95 -24.69
N LEU B 97 -12.73 -38.11 -24.34
CA LEU B 97 -13.97 -38.17 -23.58
C LEU B 97 -13.85 -37.69 -22.13
N PRO B 98 -12.74 -37.96 -21.43
CA PRO B 98 -12.60 -37.36 -20.09
C PRO B 98 -12.53 -35.85 -20.13
N THR B 99 -11.92 -35.27 -21.16
CA THR B 99 -11.92 -33.83 -21.33
C THR B 99 -13.31 -33.30 -21.62
N PHE B 100 -14.11 -34.05 -22.39
CA PHE B 100 -15.49 -33.66 -22.64
C PHE B 100 -16.30 -33.65 -21.34
N VAL B 101 -16.16 -34.71 -20.54
CA VAL B 101 -16.88 -34.77 -19.28
C VAL B 101 -16.46 -33.62 -18.37
N ALA B 102 -15.15 -33.36 -18.28
CA ALA B 102 -14.67 -32.26 -17.45
C ALA B 102 -15.14 -30.91 -17.96
N ARG B 103 -15.21 -30.74 -19.28
CA ARG B 103 -15.68 -29.48 -19.83
C ARG B 103 -17.13 -29.23 -19.46
N VAL B 104 -17.98 -30.25 -19.61
CA VAL B 104 -19.39 -30.08 -19.22
C VAL B 104 -19.50 -29.80 -17.73
N TYR B 105 -18.75 -30.53 -16.91
CA TYR B 105 -18.74 -30.32 -15.47
C TYR B 105 -18.37 -28.88 -15.10
N ILE B 106 -17.29 -28.37 -15.69
CA ILE B 106 -16.81 -27.04 -15.32
C ILE B 106 -17.71 -25.97 -15.90
N SER B 107 -18.29 -26.18 -17.08
CA SER B 107 -19.24 -25.21 -17.61
C SER B 107 -20.47 -25.10 -16.72
N THR B 108 -20.98 -26.23 -16.25
CA THR B 108 -22.10 -26.16 -15.32
C THR B 108 -21.70 -25.45 -14.03
N TRP B 109 -20.48 -25.71 -13.54
CA TRP B 109 -20.06 -25.03 -12.32
C TRP B 109 -19.94 -23.51 -12.53
N LEU B 110 -19.49 -23.08 -13.70
CA LEU B 110 -19.42 -21.65 -13.99
C LEU B 110 -20.81 -21.03 -14.07
N HIS B 111 -21.71 -21.71 -14.77
CA HIS B 111 -23.11 -21.29 -14.83
C HIS B 111 -23.68 -21.08 -13.44
N ASP B 112 -23.44 -22.02 -12.54
CA ASP B 112 -23.94 -21.90 -11.17
C ASP B 112 -23.15 -20.91 -10.33
N LEU B 113 -21.91 -20.62 -10.71
CA LEU B 113 -21.11 -19.63 -10.00
C LEU B 113 -21.65 -18.24 -10.23
N TYR B 114 -22.10 -17.97 -11.45
CA TYR B 114 -22.86 -16.74 -11.68
C TYR B 114 -23.97 -16.60 -10.66
N CYS B 115 -24.76 -17.67 -10.48
CA CYS B 115 -25.93 -17.60 -9.59
C CYS B 115 -25.51 -17.43 -8.15
N SER B 116 -24.41 -18.07 -7.74
CA SER B 116 -23.96 -17.93 -6.36
C SER B 116 -23.47 -16.52 -6.07
N ILE B 117 -22.73 -15.91 -7.00
CA ILE B 117 -22.34 -14.52 -6.84
C ILE B 117 -23.57 -13.62 -6.82
N ARG B 118 -24.58 -13.97 -7.62
CA ARG B 118 -25.79 -13.17 -7.69
C ARG B 118 -26.54 -13.17 -6.37
N GLU B 119 -26.66 -14.33 -5.74
CA GLU B 119 -27.33 -14.37 -4.44
C GLU B 119 -26.46 -13.81 -3.32
N ALA B 120 -25.15 -13.80 -3.48
CA ALA B 120 -24.31 -13.17 -2.46
C ALA B 120 -24.41 -11.66 -2.55
N THR B 121 -24.50 -11.10 -3.75
CA THR B 121 -24.61 -9.65 -3.88
C THR B 121 -25.96 -9.13 -3.40
N ARG B 122 -26.95 -9.99 -3.20
CA ARG B 122 -28.25 -9.53 -2.74
C ARG B 122 -28.22 -9.12 -1.28
N SER B 123 -27.45 -9.84 -0.45
CA SER B 123 -27.37 -9.51 0.96
C SER B 123 -26.27 -8.51 1.25
N ILE B 124 -25.28 -8.42 0.36
CA ILE B 124 -24.15 -7.51 0.52
C ILE B 124 -24.02 -6.72 -0.78
N SER B 125 -24.10 -5.40 -0.69
CA SER B 125 -24.07 -4.53 -1.85
C SER B 125 -25.22 -4.78 -2.83
N PRO B 126 -26.44 -4.39 -2.49
CA PRO B 126 -27.54 -4.47 -3.47
C PRO B 126 -27.32 -3.64 -4.72
N LEU B 127 -26.38 -2.69 -4.70
CA LEU B 127 -26.06 -1.93 -5.90
C LEU B 127 -25.39 -2.79 -6.95
N ALA B 128 -24.48 -3.68 -6.55
CA ALA B 128 -23.92 -4.63 -7.50
C ALA B 128 -24.99 -5.55 -8.06
N PHE B 129 -25.99 -5.90 -7.24
CA PHE B 129 -27.12 -6.67 -7.73
C PHE B 129 -27.92 -5.89 -8.77
N ASN B 130 -28.13 -4.59 -8.54
CA ASN B 130 -28.92 -3.80 -9.47
C ASN B 130 -28.19 -3.55 -10.78
N GLU B 131 -26.88 -3.33 -10.74
CA GLU B 131 -26.14 -2.95 -11.94
C GLU B 131 -25.57 -4.13 -12.70
N ARG B 132 -25.19 -5.21 -12.04
CA ARG B 132 -24.45 -6.29 -12.70
C ARG B 132 -25.08 -7.66 -12.59
N TYR B 133 -25.96 -7.90 -11.62
CA TYR B 133 -26.44 -9.24 -11.33
C TYR B 133 -27.96 -9.27 -11.21
N SER B 134 -28.65 -8.57 -12.09
CA SER B 134 -30.11 -8.53 -11.99
C SER B 134 -30.77 -9.74 -12.62
N TYR B 135 -30.20 -10.26 -13.70
CA TYR B 135 -30.77 -11.42 -14.40
C TYR B 135 -30.82 -12.63 -13.48
N GLU B 136 -31.95 -13.31 -13.46
CA GLU B 136 -32.18 -14.43 -12.56
C GLU B 136 -31.94 -15.76 -13.26
N LEU B 137 -31.22 -16.65 -12.60
CA LEU B 137 -30.96 -17.99 -13.09
C LEU B 137 -31.03 -18.96 -11.92
N LEU B 138 -31.64 -20.11 -12.15
CA LEU B 138 -31.44 -21.04 -11.04
C LEU B 138 -30.30 -21.98 -11.35
N PRO B 139 -29.54 -22.39 -10.34
CA PRO B 139 -28.38 -23.26 -10.60
C PRO B 139 -28.80 -24.67 -10.99
N TYR B 140 -28.00 -25.26 -11.88
CA TYR B 140 -28.18 -26.66 -12.25
C TYR B 140 -28.12 -27.56 -11.02
N SER B 141 -27.14 -27.33 -10.15
CA SER B 141 -26.86 -28.23 -9.05
C SER B 141 -26.64 -27.43 -7.77
N THR B 142 -26.83 -28.11 -6.65
CA THR B 142 -26.45 -27.61 -5.34
C THR B 142 -25.33 -28.45 -4.72
N GLU B 143 -24.79 -29.40 -5.48
CA GLU B 143 -23.76 -30.31 -5.00
C GLU B 143 -22.62 -30.31 -6.00
N TYR B 144 -21.40 -30.19 -5.52
CA TYR B 144 -20.21 -30.30 -6.35
C TYR B 144 -19.15 -31.01 -5.54
N ASP B 145 -18.03 -31.34 -6.17
CA ASP B 145 -16.93 -31.90 -5.42
C ASP B 145 -16.45 -30.87 -4.39
N PRO B 146 -15.75 -31.32 -3.35
CA PRO B 146 -15.33 -30.38 -2.30
C PRO B 146 -14.52 -29.20 -2.80
N PHE B 147 -13.85 -29.29 -3.94
CA PHE B 147 -13.04 -28.17 -4.38
C PHE B 147 -13.85 -27.10 -5.09
N LEU B 148 -14.72 -27.49 -6.02
CA LEU B 148 -15.58 -26.50 -6.66
C LEU B 148 -16.61 -25.95 -5.70
N ALA B 149 -17.01 -26.72 -4.70
CA ALA B 149 -17.82 -26.19 -3.61
C ALA B 149 -17.02 -25.30 -2.67
N PHE B 150 -15.69 -25.31 -2.77
CA PHE B 150 -14.84 -24.37 -2.04
C PHE B 150 -14.64 -23.07 -2.79
N LEU B 151 -14.40 -23.15 -4.10
CA LEU B 151 -14.33 -21.93 -4.91
C LEU B 151 -15.68 -21.25 -5.00
N SER B 152 -16.76 -22.01 -5.02
CA SER B 152 -18.09 -21.41 -4.92
C SER B 152 -18.19 -20.57 -3.66
N MET B 153 -17.63 -21.06 -2.57
CA MET B 153 -17.62 -20.32 -1.31
C MET B 153 -16.65 -19.16 -1.32
N SER B 154 -15.59 -19.24 -2.11
CA SER B 154 -14.52 -18.25 -2.11
C SER B 154 -14.72 -17.15 -3.13
N ILE B 155 -15.07 -17.49 -4.37
CA ILE B 155 -15.22 -16.47 -5.41
C ILE B 155 -16.57 -15.81 -5.22
N LYS B 156 -16.57 -14.74 -4.44
CA LYS B 156 -17.76 -14.05 -3.94
C LYS B 156 -17.37 -12.60 -3.68
N PRO B 157 -18.28 -11.75 -3.20
CA PRO B 157 -17.87 -10.40 -2.82
C PRO B 157 -16.92 -10.38 -1.63
N THR B 158 -15.63 -10.54 -1.90
CA THR B 158 -14.62 -10.67 -0.86
C THR B 158 -14.21 -9.32 -0.28
N HIS B 159 -13.73 -9.33 0.95
CA HIS B 159 -13.36 -8.12 1.67
C HIS B 159 -11.88 -8.14 2.00
N ILE B 160 -11.18 -7.05 1.69
CA ILE B 160 -9.76 -6.92 1.98
C ILE B 160 -9.57 -5.79 2.99
N GLN B 161 -8.81 -6.07 4.05
CA GLN B 161 -8.57 -5.13 5.13
C GLN B 161 -7.10 -4.74 5.19
N HIS B 162 -6.84 -3.59 5.80
CA HIS B 162 -5.51 -3.10 6.14
C HIS B 162 -4.67 -2.76 4.92
N THR B 163 -5.30 -2.62 3.77
CA THR B 163 -4.73 -1.97 2.61
C THR B 163 -5.17 -0.53 2.57
N PRO B 164 -4.52 0.33 1.77
CA PRO B 164 -4.90 1.74 1.78
C PRO B 164 -6.39 1.98 1.58
N GLU B 165 -7.03 1.21 0.73
CA GLU B 165 -8.48 1.25 0.55
C GLU B 165 -9.09 0.00 1.14
N ASN B 166 -10.03 0.17 2.05
CA ASN B 166 -10.84 -0.93 2.58
C ASN B 166 -11.87 -1.28 1.52
N THR B 167 -11.65 -2.38 0.82
CA THR B 167 -12.39 -2.68 -0.40
C THR B 167 -13.18 -3.98 -0.27
N LEU B 168 -14.35 -3.99 -0.88
CA LEU B 168 -15.10 -5.21 -1.17
C LEU B 168 -15.01 -5.41 -2.68
N TRP B 169 -14.25 -6.43 -3.07
CA TRP B 169 -14.10 -6.79 -4.46
C TRP B 169 -15.24 -7.71 -4.89
N ILE B 170 -15.83 -7.40 -6.04
CA ILE B 170 -16.94 -8.15 -6.60
C ILE B 170 -16.44 -8.81 -7.88
N PRO B 171 -16.46 -10.15 -7.97
CA PRO B 171 -16.00 -10.79 -9.20
C PRO B 171 -17.05 -10.68 -10.31
N ILE B 172 -16.57 -10.40 -11.52
CA ILE B 172 -17.42 -10.21 -12.68
C ILE B 172 -17.05 -11.30 -13.69
N LEU B 173 -18.02 -12.17 -14.01
CA LEU B 173 -17.75 -13.24 -14.95
C LEU B 173 -17.62 -12.70 -16.37
N CYS B 174 -18.43 -11.71 -16.72
CA CYS B 174 -18.37 -11.08 -18.03
C CYS B 174 -19.03 -9.71 -17.93
N GLU B 175 -18.66 -8.82 -18.85
CA GLU B 175 -19.23 -7.49 -18.85
C GLU B 175 -20.65 -7.50 -19.41
N ASN B 176 -20.83 -8.10 -20.59
CA ASN B 176 -22.12 -8.30 -21.21
C ASN B 176 -22.39 -9.80 -21.28
N TYR B 177 -23.58 -10.20 -20.86
CA TYR B 177 -23.77 -11.56 -20.38
C TYR B 177 -24.42 -12.51 -21.37
N ASP B 178 -24.97 -12.02 -22.48
CA ASP B 178 -25.39 -12.83 -23.62
C ASP B 178 -26.18 -14.07 -23.19
N TRP B 179 -27.33 -13.81 -22.59
CA TRP B 179 -28.16 -14.88 -22.05
C TRP B 179 -28.91 -15.62 -23.14
N ASP B 180 -29.42 -16.80 -22.79
CA ASP B 180 -30.13 -17.65 -23.72
C ASP B 180 -30.94 -18.67 -22.93
N ARG B 181 -32.04 -19.13 -23.52
CA ARG B 181 -32.91 -20.10 -22.86
C ARG B 181 -32.73 -21.51 -23.40
N ASN B 182 -32.32 -21.67 -24.66
CA ASN B 182 -32.00 -22.96 -25.23
C ASN B 182 -30.61 -23.35 -24.77
N GLU B 183 -30.52 -24.26 -23.80
CA GLU B 183 -29.25 -24.52 -23.12
C GLU B 183 -28.29 -25.36 -23.95
N ALA B 184 -28.63 -25.72 -25.18
CA ALA B 184 -27.65 -26.36 -26.05
C ALA B 184 -26.70 -25.34 -26.64
N ASN B 185 -27.23 -24.19 -27.07
CA ASN B 185 -26.43 -23.10 -27.62
C ASN B 185 -26.09 -22.05 -26.57
N HIS B 186 -26.31 -22.34 -25.30
CA HIS B 186 -26.14 -21.35 -24.25
C HIS B 186 -24.67 -21.19 -23.91
N ASN B 187 -24.15 -19.98 -24.07
CA ASN B 187 -22.76 -19.64 -23.75
C ASN B 187 -22.78 -18.22 -23.23
N PRO B 188 -23.18 -18.02 -21.97
CA PRO B 188 -23.38 -16.64 -21.48
C PRO B 188 -22.11 -15.81 -21.54
N PHE B 189 -21.03 -16.33 -20.98
CA PHE B 189 -19.73 -15.71 -21.03
C PHE B 189 -19.04 -16.11 -22.33
N GLY B 190 -17.88 -15.52 -22.58
CA GLY B 190 -17.25 -15.74 -23.86
C GLY B 190 -16.23 -16.85 -23.88
N ILE B 191 -16.53 -17.95 -23.17
CA ILE B 191 -15.60 -19.07 -23.08
C ILE B 191 -15.69 -19.90 -24.35
N THR B 192 -14.55 -20.43 -24.78
CA THR B 192 -14.48 -21.07 -26.09
C THR B 192 -15.18 -22.43 -26.08
N ASN B 193 -14.69 -23.35 -25.25
CA ASN B 193 -15.20 -24.73 -25.23
C ASN B 193 -16.32 -24.91 -24.22
N PHE B 194 -17.05 -23.84 -23.91
CA PHE B 194 -18.14 -23.91 -22.96
C PHE B 194 -19.28 -24.76 -23.51
N THR B 195 -19.72 -25.74 -22.72
CA THR B 195 -20.74 -26.68 -23.19
C THR B 195 -21.65 -27.04 -22.03
N LEU B 196 -22.94 -26.77 -22.17
CA LEU B 196 -23.94 -27.19 -21.21
C LEU B 196 -24.67 -28.42 -21.75
N ASN B 197 -24.72 -29.48 -20.93
CA ASN B 197 -25.39 -30.72 -21.29
C ASN B 197 -26.04 -31.25 -20.01
N SER B 198 -27.36 -31.15 -19.92
CA SER B 198 -28.02 -31.58 -18.69
C SER B 198 -28.02 -33.09 -18.56
N ASN B 199 -28.11 -33.81 -19.68
CA ASN B 199 -28.02 -35.26 -19.64
C ASN B 199 -26.68 -35.72 -19.09
N LEU B 200 -25.60 -35.24 -19.72
CA LEU B 200 -24.26 -35.57 -19.27
C LEU B 200 -24.04 -35.14 -17.84
N PHE B 201 -24.43 -33.91 -17.50
CA PHE B 201 -24.13 -33.40 -16.17
C PHE B 201 -24.85 -34.19 -15.10
N TYR B 202 -26.12 -34.52 -15.32
CA TYR B 202 -26.87 -35.18 -14.26
C TYR B 202 -26.52 -36.67 -14.17
N GLY B 203 -26.21 -37.32 -15.29
CA GLY B 203 -25.65 -38.66 -15.20
C GLY B 203 -24.32 -38.69 -14.47
N LEU B 204 -23.45 -37.72 -14.75
CA LEU B 204 -22.16 -37.64 -14.07
C LEU B 204 -22.35 -37.34 -12.59
N LEU B 205 -23.33 -36.53 -12.23
CA LEU B 205 -23.61 -36.26 -10.82
C LEU B 205 -24.08 -37.51 -10.10
N ALA B 206 -24.94 -38.30 -10.76
CA ALA B 206 -25.35 -39.58 -10.18
C ALA B 206 -24.15 -40.50 -9.98
N ILE B 207 -23.24 -40.54 -10.96
CA ILE B 207 -22.05 -41.38 -10.84
C ILE B 207 -21.21 -40.94 -9.64
N LEU B 208 -20.91 -39.64 -9.57
CA LEU B 208 -20.09 -39.13 -8.47
C LEU B 208 -20.78 -39.33 -7.12
N LYS B 209 -22.11 -39.38 -7.11
CA LYS B 209 -22.81 -39.57 -5.85
C LYS B 209 -22.80 -41.02 -5.39
N GLU B 210 -23.02 -41.96 -6.32
CA GLU B 210 -23.08 -43.36 -5.92
C GLU B 210 -21.70 -43.95 -5.67
N ARG B 211 -20.66 -43.44 -6.34
CA ARG B 211 -19.32 -43.95 -6.16
C ARG B 211 -18.80 -43.62 -4.77
N LYS B 212 -18.14 -44.59 -4.13
CA LYS B 212 -17.60 -44.39 -2.80
C LYS B 212 -16.28 -43.61 -2.80
N GLU B 213 -15.61 -43.52 -3.94
CA GLU B 213 -14.37 -42.77 -4.02
C GLU B 213 -14.58 -41.28 -4.21
N PHE B 214 -15.68 -40.89 -4.86
CA PHE B 214 -15.99 -39.49 -5.07
C PHE B 214 -16.88 -38.98 -3.96
N LYS B 215 -16.54 -37.80 -3.44
CA LYS B 215 -17.32 -37.14 -2.41
C LYS B 215 -17.90 -35.84 -2.96
N LEU B 216 -19.12 -35.53 -2.55
CA LEU B 216 -19.81 -34.34 -3.00
C LEU B 216 -20.28 -33.54 -1.79
N SER B 217 -20.00 -32.24 -1.80
CA SER B 217 -20.47 -31.34 -0.78
C SER B 217 -21.48 -30.36 -1.36
N THR B 218 -22.46 -29.99 -0.55
CA THR B 218 -23.43 -28.96 -0.91
C THR B 218 -22.78 -27.60 -0.84
N LEU B 219 -23.28 -26.68 -1.67
CA LEU B 219 -22.76 -25.33 -1.70
C LEU B 219 -23.22 -24.55 -0.48
N THR B 220 -22.27 -23.85 0.14
CA THR B 220 -22.59 -23.03 1.31
C THR B 220 -23.14 -21.69 0.86
N THR B 221 -24.15 -21.21 1.58
CA THR B 221 -24.77 -19.92 1.28
C THR B 221 -24.21 -18.83 2.19
N ASN B 222 -22.92 -18.55 2.03
CA ASN B 222 -22.31 -17.41 2.68
C ASN B 222 -22.32 -16.21 1.74
N THR B 223 -21.93 -15.05 2.26
CA THR B 223 -21.93 -13.82 1.49
C THR B 223 -20.54 -13.31 1.17
N ILE B 224 -19.61 -13.40 2.11
CA ILE B 224 -18.25 -12.89 1.94
C ILE B 224 -17.36 -14.05 1.53
N GLY B 225 -16.52 -13.82 0.52
CA GLY B 225 -15.62 -14.84 0.03
C GLY B 225 -14.23 -14.75 0.65
N ARG B 226 -13.29 -15.41 0.00
CA ARG B 226 -11.90 -15.48 0.42
C ARG B 226 -11.02 -14.93 -0.70
N PRO B 227 -9.80 -14.53 -0.40
CA PRO B 227 -8.95 -13.93 -1.42
C PRO B 227 -8.24 -14.93 -2.31
N CYS B 228 -8.70 -16.18 -2.32
CA CYS B 228 -8.05 -17.23 -3.10
C CYS B 228 -7.98 -16.91 -4.59
N TRP B 229 -8.66 -15.88 -5.05
CA TRP B 229 -8.74 -15.57 -6.47
C TRP B 229 -8.20 -14.18 -6.79
N LEU B 230 -7.42 -13.59 -5.89
CA LEU B 230 -6.98 -12.21 -6.07
C LEU B 230 -5.47 -12.02 -6.08
N PHE B 231 -4.68 -13.06 -5.83
CA PHE B 231 -3.23 -12.91 -5.88
C PHE B 231 -2.77 -12.48 -7.28
N ASP B 232 -1.58 -11.89 -7.33
CA ASP B 232 -1.00 -11.45 -8.58
C ASP B 232 -0.02 -12.50 -9.10
N TRP B 233 -0.22 -12.94 -10.34
CA TRP B 233 0.56 -14.02 -10.93
C TRP B 233 1.58 -13.43 -11.89
N HIS B 234 2.86 -13.62 -11.59
CA HIS B 234 3.95 -12.96 -12.29
C HIS B 234 4.81 -13.99 -13.00
N ASP B 235 5.95 -13.52 -13.51
CA ASP B 235 6.66 -14.13 -14.63
C ASP B 235 6.87 -15.62 -14.53
N ASN B 236 7.68 -16.08 -13.59
CA ASN B 236 8.00 -17.51 -13.54
C ASN B 236 6.97 -18.31 -12.75
N VAL B 237 6.98 -18.16 -11.44
CA VAL B 237 6.01 -18.82 -10.58
C VAL B 237 5.61 -17.77 -9.53
N GLN B 238 6.02 -16.53 -9.77
CA GLN B 238 5.95 -15.51 -8.73
C GLN B 238 4.53 -15.06 -8.47
N VAL B 239 3.83 -15.77 -7.59
CA VAL B 239 2.48 -15.41 -7.16
C VAL B 239 2.62 -14.66 -5.85
N CYS B 240 2.13 -13.43 -5.80
CA CYS B 240 2.46 -12.53 -4.71
C CYS B 240 1.23 -11.80 -4.22
N ALA B 241 1.13 -11.69 -2.90
CA ALA B 241 -0.02 -11.09 -2.23
C ALA B 241 0.19 -9.60 -2.07
N TRP B 242 -0.68 -8.81 -2.69
CA TRP B 242 -0.61 -7.36 -2.57
C TRP B 242 -1.35 -6.85 -1.36
N PHE B 243 -1.69 -7.71 -0.42
CA PHE B 243 -2.42 -7.36 0.78
C PHE B 243 -1.81 -8.10 1.95
N PRO B 244 -1.98 -7.59 3.18
CA PRO B 244 -1.40 -8.27 4.33
C PRO B 244 -1.97 -9.67 4.51
N ARG B 245 -1.18 -10.55 5.11
CA ARG B 245 -1.67 -11.90 5.39
C ARG B 245 -2.59 -11.91 6.59
N GLU B 246 -2.39 -10.99 7.52
CA GLU B 246 -3.20 -10.93 8.72
C GLU B 246 -4.59 -10.40 8.40
N ALA B 247 -5.62 -11.12 8.85
CA ALA B 247 -7.03 -10.83 8.66
C ALA B 247 -7.50 -11.02 7.22
N ASN B 248 -6.65 -11.49 6.32
CA ASN B 248 -7.05 -11.64 4.93
C ASN B 248 -7.05 -13.09 4.45
N PHE B 249 -5.97 -13.83 4.64
CA PHE B 249 -5.88 -15.19 4.12
C PHE B 249 -4.99 -16.04 5.02
N ASN B 250 -5.17 -17.36 4.92
CA ASN B 250 -4.60 -18.28 5.90
C ASN B 250 -4.06 -19.55 5.24
N SER B 251 -3.44 -19.42 4.06
CA SER B 251 -2.69 -20.51 3.46
C SER B 251 -3.56 -21.66 2.97
N GLN B 252 -4.85 -21.61 3.26
CA GLN B 252 -5.82 -22.44 2.55
C GLN B 252 -6.32 -21.74 1.31
N ASP B 253 -6.27 -20.41 1.30
CA ASP B 253 -6.54 -19.64 0.10
C ASP B 253 -5.38 -19.72 -0.88
N VAL B 254 -4.15 -19.89 -0.37
CA VAL B 254 -3.02 -20.12 -1.26
C VAL B 254 -3.10 -21.52 -1.85
N THR B 255 -3.65 -22.48 -1.12
CA THR B 255 -3.86 -23.81 -1.68
C THR B 255 -4.89 -23.78 -2.81
N ALA B 256 -5.99 -23.05 -2.62
CA ALA B 256 -6.98 -22.94 -3.66
C ALA B 256 -6.44 -22.19 -4.86
N ALA B 257 -5.65 -21.14 -4.64
CA ALA B 257 -4.93 -20.49 -5.72
C ALA B 257 -3.93 -21.41 -6.39
N TYR B 258 -3.42 -22.40 -5.67
CA TYR B 258 -2.48 -23.36 -6.21
C TYR B 258 -3.16 -24.36 -7.13
N ILE B 259 -4.29 -24.93 -6.70
CA ILE B 259 -4.99 -25.89 -7.54
C ILE B 259 -5.50 -25.24 -8.81
N ILE B 260 -5.88 -23.96 -8.76
CA ILE B 260 -6.16 -23.17 -9.97
C ILE B 260 -4.81 -22.60 -10.40
N GLY B 261 -4.09 -23.35 -11.21
CA GLY B 261 -2.73 -22.96 -11.49
C GLY B 261 -2.57 -21.81 -12.46
N VAL B 262 -3.53 -20.89 -12.49
CA VAL B 262 -3.46 -19.69 -13.31
C VAL B 262 -4.04 -18.53 -12.52
N ALA B 263 -3.85 -17.32 -13.05
CA ALA B 263 -4.42 -16.13 -12.45
C ALA B 263 -5.92 -16.09 -12.65
N CYS B 264 -6.64 -15.68 -11.60
CA CYS B 264 -8.08 -15.52 -11.69
C CYS B 264 -8.51 -14.11 -12.07
N THR B 265 -7.66 -13.11 -11.83
CA THR B 265 -7.97 -11.72 -12.10
C THR B 265 -6.78 -11.05 -12.75
N PRO B 266 -6.91 -9.84 -13.31
CA PRO B 266 -5.73 -9.11 -13.77
C PRO B 266 -4.86 -8.65 -12.61
N LYS B 267 -3.74 -8.00 -12.91
CA LYS B 267 -2.84 -7.54 -11.86
C LYS B 267 -3.48 -6.39 -11.10
N LEU B 268 -3.58 -6.53 -9.77
CA LEU B 268 -4.25 -5.55 -8.93
C LEU B 268 -3.32 -4.93 -7.89
N GLY B 269 -2.03 -5.25 -7.92
CA GLY B 269 -1.12 -4.79 -6.90
C GLY B 269 -0.39 -3.52 -7.26
N PRO B 270 0.27 -2.93 -6.27
CA PRO B 270 0.97 -1.66 -6.51
C PRO B 270 2.18 -1.84 -7.42
N SER B 271 2.55 -0.75 -8.06
CA SER B 271 3.68 -0.73 -8.98
C SER B 271 4.33 0.63 -8.93
N ASP B 272 5.67 0.64 -8.87
CA ASP B 272 6.46 1.87 -8.87
C ASP B 272 7.26 1.90 -10.17
N ASP B 273 6.71 2.54 -11.19
CA ASP B 273 7.32 2.57 -12.49
C ASP B 273 8.13 3.84 -12.70
N ASP B 274 9.13 3.75 -13.57
CA ASP B 274 9.99 4.89 -13.87
C ASP B 274 9.59 5.50 -15.21
N ALA B 275 10.38 6.44 -15.69
CA ALA B 275 10.05 7.17 -16.91
C ALA B 275 10.21 6.26 -18.14
N TRP B 276 9.67 6.74 -19.25
CA TRP B 276 9.76 6.00 -20.51
C TRP B 276 11.11 6.24 -21.17
N LYS B 277 11.69 5.17 -21.70
CA LYS B 277 12.86 5.27 -22.56
C LYS B 277 12.42 5.15 -24.01
N TYR B 278 13.06 5.92 -24.88
CA TYR B 278 12.68 5.98 -26.28
C TYR B 278 13.79 5.40 -27.14
N TYR B 279 13.38 4.74 -28.22
CA TYR B 279 14.30 4.06 -29.13
C TYR B 279 13.83 4.24 -30.56
N ALA B 280 14.79 4.45 -31.47
CA ALA B 280 14.44 4.64 -32.87
C ALA B 280 14.14 3.31 -33.56
N SER B 281 15.13 2.43 -33.62
CA SER B 281 14.97 1.09 -34.15
C SER B 281 14.90 0.09 -33.00
N LEU B 282 14.48 -1.13 -33.32
CA LEU B 282 14.33 -2.14 -32.29
C LEU B 282 15.69 -2.65 -31.83
N ASN B 283 16.49 -1.75 -31.26
CA ASN B 283 17.71 -2.09 -30.54
C ASN B 283 17.48 -2.21 -29.05
N SER B 284 16.22 -2.33 -28.63
CA SER B 284 15.89 -2.31 -27.22
C SER B 284 16.63 -3.42 -26.48
N VAL B 285 17.44 -3.03 -25.50
CA VAL B 285 18.20 -4.02 -24.73
C VAL B 285 17.21 -4.88 -23.93
N PRO B 286 17.39 -6.21 -23.89
CA PRO B 286 16.43 -7.06 -23.18
C PRO B 286 16.42 -6.75 -21.69
N THR B 287 15.24 -6.90 -21.08
CA THR B 287 15.08 -6.50 -19.68
C THR B 287 15.92 -7.41 -18.80
N PHE B 288 17.06 -6.89 -18.35
CA PHE B 288 18.02 -7.70 -17.62
C PHE B 288 17.65 -7.80 -16.15
N THR B 289 17.60 -9.02 -15.64
CA THR B 289 17.64 -9.28 -14.22
C THR B 289 18.91 -8.67 -13.59
N PRO B 290 20.00 -8.45 -14.38
CA PRO B 290 21.09 -7.59 -13.89
C PRO B 290 20.69 -6.15 -13.56
N THR B 291 19.39 -5.84 -13.58
CA THR B 291 18.87 -4.54 -13.16
C THR B 291 19.39 -3.43 -14.09
N GLU B 292 18.86 -3.47 -15.30
CA GLU B 292 18.97 -2.42 -16.31
C GLU B 292 18.83 -1.04 -15.66
N PRO B 293 19.56 -0.03 -16.15
CA PRO B 293 19.63 1.25 -15.43
C PRO B 293 18.35 2.06 -15.46
N ARG B 294 17.47 1.78 -14.50
CA ARG B 294 16.31 2.61 -14.22
C ARG B 294 16.65 4.10 -14.24
N LEU B 295 15.72 4.90 -14.78
CA LEU B 295 15.95 6.34 -14.86
C LEU B 295 15.69 7.02 -13.52
N THR B 296 14.47 6.90 -13.01
CA THR B 296 14.08 7.59 -11.79
C THR B 296 14.38 6.73 -10.57
N ASN B 297 14.62 7.38 -9.44
CA ASN B 297 14.82 6.68 -8.19
C ASN B 297 13.50 6.18 -7.63
N ARG B 298 13.58 5.07 -6.89
CA ARG B 298 12.38 4.43 -6.38
C ARG B 298 11.74 5.25 -5.27
N ARG B 299 10.42 5.15 -5.19
CA ARG B 299 9.63 5.87 -4.21
C ARG B 299 9.00 4.96 -3.16
N SER B 300 8.37 3.88 -3.59
CA SER B 300 7.65 2.99 -2.69
C SER B 300 8.24 1.58 -2.80
N TYR B 301 8.15 0.84 -1.70
CA TYR B 301 8.84 -0.45 -1.61
C TYR B 301 7.93 -1.47 -0.97
N GLY B 302 8.28 -2.75 -1.19
CA GLY B 302 7.58 -3.85 -0.56
C GLY B 302 8.58 -4.89 -0.10
N ALA B 303 8.07 -5.89 0.63
CA ALA B 303 8.93 -6.97 1.06
C ALA B 303 9.37 -7.84 -0.10
N TYR B 304 8.47 -8.13 -1.03
CA TYR B 304 8.78 -8.86 -2.24
C TYR B 304 8.48 -7.97 -3.43
N GLU B 305 9.37 -7.97 -4.42
CA GLU B 305 9.22 -7.13 -5.60
C GLU B 305 9.52 -7.91 -6.86
N VAL B 306 8.78 -7.59 -7.92
CA VAL B 306 8.97 -8.16 -9.24
C VAL B 306 9.20 -7.01 -10.20
N ARG B 307 10.25 -7.11 -11.02
CA ARG B 307 10.57 -6.08 -11.99
C ARG B 307 10.18 -6.56 -13.38
N THR B 308 9.39 -5.76 -14.08
CA THR B 308 8.97 -6.04 -15.44
C THR B 308 9.37 -4.88 -16.34
N ARG B 309 8.96 -4.95 -17.60
CA ARG B 309 9.23 -3.87 -18.55
C ARG B 309 8.26 -3.97 -19.70
N GLU B 310 7.43 -2.95 -19.88
CA GLU B 310 6.49 -2.92 -20.99
C GLU B 310 7.09 -2.16 -22.16
N THR B 311 6.61 -2.46 -23.36
CA THR B 311 7.12 -1.88 -24.59
C THR B 311 5.98 -1.36 -25.44
N GLU B 312 6.31 -0.38 -26.30
CA GLU B 312 5.38 0.20 -27.26
C GLU B 312 6.20 0.53 -28.50
N ASN B 313 6.16 -0.36 -29.49
CA ASN B 313 7.09 -0.27 -30.62
C ASN B 313 6.56 0.59 -31.77
N ASN B 314 5.43 1.26 -31.61
CA ASN B 314 4.96 2.19 -32.63
C ASN B 314 4.38 3.46 -32.05
N TYR B 315 4.77 3.84 -30.83
CA TYR B 315 4.12 4.92 -30.11
C TYR B 315 4.30 6.25 -30.82
N PHE B 316 3.19 6.94 -31.09
CA PHE B 316 3.23 8.28 -31.66
C PHE B 316 3.25 9.33 -30.56
N LEU B 317 4.06 10.36 -30.76
CA LEU B 317 4.20 11.42 -29.77
C LEU B 317 2.87 12.13 -29.57
N PRO B 318 2.60 12.63 -28.35
CA PRO B 318 1.24 13.02 -27.99
C PRO B 318 0.77 14.35 -28.56
N ASP B 319 0.98 14.54 -29.87
CA ASP B 319 0.29 15.61 -30.61
C ASP B 319 0.76 16.99 -30.17
N SER B 320 1.61 17.06 -29.15
CA SER B 320 2.09 18.36 -28.68
C SER B 320 3.55 18.56 -29.09
N LEU B 321 4.39 17.55 -28.88
CA LEU B 321 5.75 17.63 -29.38
C LEU B 321 5.76 17.65 -30.90
N LEU B 322 4.73 17.09 -31.53
CA LEU B 322 4.60 17.21 -32.98
C LEU B 322 4.38 18.66 -33.38
N ASN B 323 3.48 19.36 -32.68
CA ASN B 323 3.33 20.80 -32.88
C ASN B 323 4.65 21.52 -32.70
N ILE B 324 5.35 21.19 -31.60
CA ILE B 324 6.57 21.89 -31.23
C ILE B 324 7.63 21.74 -32.33
N ILE B 325 7.76 20.53 -32.88
CA ILE B 325 8.75 20.32 -33.91
C ILE B 325 8.28 20.88 -35.25
N GLU B 326 6.96 20.92 -35.48
CA GLU B 326 6.46 21.48 -36.73
C GLU B 326 6.74 22.96 -36.82
N ASP B 327 6.48 23.71 -35.75
CA ASP B 327 6.93 25.10 -35.75
C ASP B 327 8.41 25.22 -35.40
N PHE B 328 9.12 24.10 -35.29
CA PHE B 328 10.57 24.10 -35.21
C PHE B 328 11.24 23.80 -36.55
N THR B 329 10.54 23.14 -37.46
CA THR B 329 11.10 22.81 -38.77
C THR B 329 10.30 23.49 -39.88
N VAL B 379 10.19 22.91 -23.92
CA VAL B 379 8.86 22.37 -23.71
C VAL B 379 8.57 22.23 -22.23
N ILE B 380 7.36 22.60 -21.83
CA ILE B 380 6.91 22.55 -20.44
C ILE B 380 6.25 21.20 -20.21
N ARG B 381 6.62 20.53 -19.12
CA ARG B 381 6.10 19.21 -18.80
C ARG B 381 5.32 19.27 -17.48
N THR B 382 4.20 18.57 -17.42
CA THR B 382 3.34 18.53 -16.25
C THR B 382 2.88 17.11 -15.99
N LYS B 383 2.51 16.80 -14.75
CA LYS B 383 2.20 15.44 -14.32
C LYS B 383 1.24 15.48 -13.14
N ILE B 384 0.17 14.70 -13.22
CA ILE B 384 -0.83 14.60 -12.16
C ILE B 384 -0.45 13.46 -11.24
N ARG B 385 -0.31 13.76 -9.95
CA ARG B 385 0.00 12.77 -8.93
C ARG B 385 -1.20 12.58 -8.01
N ASP B 386 -1.59 11.34 -7.79
CA ASP B 386 -2.71 11.02 -6.93
C ASP B 386 -2.21 10.25 -5.72
N TRP B 387 -1.88 10.98 -4.66
CA TRP B 387 -1.36 10.40 -3.43
C TRP B 387 -2.52 9.77 -2.68
N TYR B 388 -2.49 8.45 -2.53
CA TYR B 388 -3.54 7.75 -1.82
C TYR B 388 -3.03 7.30 -0.47
N TYR B 389 -3.91 7.34 0.53
CA TYR B 389 -3.54 7.11 1.91
C TYR B 389 -4.59 6.22 2.56
N HIS B 390 -4.26 5.77 3.77
CA HIS B 390 -5.22 5.00 4.55
C HIS B 390 -6.28 5.90 5.15
N SER B 391 -5.89 7.06 5.64
CA SER B 391 -6.83 7.97 6.26
C SER B 391 -6.24 9.37 6.29
N ARG B 392 -7.09 10.34 6.63
CA ARG B 392 -6.69 11.69 6.95
C ARG B 392 -6.80 11.86 8.46
N VAL B 393 -5.73 12.33 9.10
CA VAL B 393 -5.65 12.27 10.55
C VAL B 393 -5.93 13.62 11.20
N ILE B 394 -5.56 14.71 10.55
CA ILE B 394 -5.76 16.05 11.08
C ILE B 394 -6.69 16.81 10.15
N LEU B 395 -7.75 17.39 10.71
CA LEU B 395 -8.82 18.00 9.93
C LEU B 395 -8.78 19.52 9.93
N GLU B 396 -8.41 20.14 11.05
CA GLU B 396 -8.39 21.59 11.14
C GLU B 396 -7.29 22.00 12.12
N LEU B 397 -6.31 22.75 11.63
CA LEU B 397 -5.14 23.14 12.42
C LEU B 397 -5.15 24.63 12.66
N GLU B 398 -5.30 25.04 13.91
CA GLU B 398 -5.19 26.44 14.30
C GLU B 398 -4.29 26.54 15.52
N ASP B 399 -3.62 27.69 15.65
CA ASP B 399 -2.62 27.86 16.69
C ASP B 399 -3.23 27.81 18.09
N ASN B 400 -4.46 28.29 18.25
CA ASN B 400 -5.06 28.30 19.57
C ASN B 400 -5.29 26.89 20.08
N SER B 401 -5.72 25.97 19.22
CA SER B 401 -5.93 24.60 19.67
C SER B 401 -4.60 23.87 19.90
N ARG B 402 -3.57 24.19 19.12
CA ARG B 402 -2.24 23.65 19.40
C ARG B 402 -1.78 24.08 20.79
N THR B 403 -1.91 25.36 21.10
CA THR B 403 -1.46 25.85 22.38
C THR B 403 -2.32 25.32 23.52
N ALA B 404 -3.63 25.16 23.31
CA ALA B 404 -4.48 24.60 24.35
C ALA B 404 -4.15 23.14 24.61
N ALA B 405 -3.87 22.36 23.58
CA ALA B 405 -3.48 20.97 23.74
C ALA B 405 -2.12 20.82 24.40
N LEU B 406 -1.19 21.73 24.12
CA LEU B 406 0.08 21.72 24.83
C LEU B 406 -0.08 22.15 26.28
N ARG B 407 -0.98 23.11 26.53
CA ARG B 407 -1.15 23.71 27.85
C ARG B 407 -1.83 22.76 28.80
N MET B 408 -2.82 22.00 28.33
CA MET B 408 -3.43 21.02 29.23
C MET B 408 -2.57 19.80 29.45
N PHE B 409 -1.44 19.70 28.76
CA PHE B 409 -0.52 18.59 28.90
C PHE B 409 0.63 18.93 29.85
N ILE B 410 1.26 20.09 29.65
CA ILE B 410 2.46 20.42 30.40
C ILE B 410 2.21 21.34 31.58
N ILE B 411 0.96 21.74 31.81
CA ILE B 411 0.62 22.56 32.96
C ILE B 411 -0.25 21.77 33.92
#